data_1T9S
#
_entry.id   1T9S
#
_cell.length_a   61.969
_cell.length_b   90.872
_cell.length_c   68.991
_cell.angle_alpha   90.00
_cell.angle_beta   98.07
_cell.angle_gamma   90.00
#
_symmetry.space_group_name_H-M   'P 1 21 1'
#
loop_
_entity.id
_entity.type
_entity.pdbx_description
1 polymer "cGMP-specific 3',5'-cyclic phosphodiesterase"
2 non-polymer 'ZINC ION'
3 non-polymer 'MAGNESIUM ION'
4 non-polymer "GUANOSINE-5'-MONOPHOSPHATE"
5 water water
#
_entity_poly.entity_id   1
_entity_poly.type   'polypeptide(L)'
_entity_poly.pdbx_seq_one_letter_code
;MGSSHHHHHHSSGLVPRGSHMEEETRELQSLAAAVVPSAQTLKITDFSFSDFELSDLETALCTIRMFTDLNLVQNFQMKH
EVLCRWILSVKKNYRKNVAYHNWRHAFNTAQCMFAALKAGKIQNKLTDLEILALLIAALSHDLDHPGVSNQFLINTNSEL
ALMYNDESVLEHHHFDQCLMILNSPGNQILSGLSIEEYKTTLKIIKQAILATDLALYIKRRGEFFELIRKNQFNLEDPHQ
KELFLAMLMTACDLSAITKPWPIQQRIAELVATEFFDQGDRERKELNIEPTDLMNREKKNKIPSMQVGFIDAICLQLYEA
LTHVSEDCFPLLDGCRKNRQKWQALAE
;
_entity_poly.pdbx_strand_id   A,B
#
# COMPACT_ATOMS: atom_id res chain seq x y z
N GLU A 22 36.84 20.38 -10.98
CA GLU A 22 35.55 21.12 -11.12
C GLU A 22 34.48 20.52 -10.19
N GLU A 23 33.64 21.38 -9.63
CA GLU A 23 32.60 21.00 -8.67
C GLU A 23 31.45 20.21 -9.30
N GLU A 24 30.95 20.70 -10.43
CA GLU A 24 29.86 20.03 -11.13
C GLU A 24 30.29 18.68 -11.71
N THR A 25 31.53 18.61 -12.19
CA THR A 25 32.12 17.37 -12.70
C THR A 25 32.23 16.33 -11.58
N ARG A 26 32.61 16.79 -10.39
CA ARG A 26 32.74 15.95 -9.21
C ARG A 26 31.39 15.35 -8.81
N GLU A 27 30.34 16.17 -8.88
CA GLU A 27 29.00 15.76 -8.52
C GLU A 27 28.46 14.67 -9.45
N LEU A 28 28.76 14.82 -10.74
CA LEU A 28 28.34 13.87 -11.76
C LEU A 28 29.14 12.56 -11.70
N GLN A 29 30.44 12.66 -11.47
CA GLN A 29 31.30 11.47 -11.39
C GLN A 29 30.91 10.60 -10.17
N SER A 30 30.53 11.25 -9.08
CA SER A 30 30.12 10.55 -7.86
C SER A 30 28.76 9.91 -8.04
N LEU A 31 27.84 10.62 -8.68
CA LEU A 31 26.53 10.08 -8.94
C LEU A 31 26.60 8.89 -9.91
N ALA A 32 27.34 9.06 -10.99
CA ALA A 32 27.44 8.02 -12.01
C ALA A 32 28.08 6.73 -11.51
N ALA A 33 29.01 6.84 -10.55
CA ALA A 33 29.72 5.69 -9.98
C ALA A 33 28.97 4.98 -8.86
N ALA A 34 27.96 5.65 -8.29
CA ALA A 34 27.19 5.10 -7.20
C ALA A 34 26.28 3.97 -7.68
N VAL A 35 26.10 2.95 -6.85
CA VAL A 35 25.14 1.91 -7.17
C VAL A 35 23.75 2.52 -7.03
N VAL A 36 22.82 2.02 -7.84
CA VAL A 36 21.45 2.45 -7.81
C VAL A 36 20.70 1.45 -6.96
N PRO A 37 20.25 1.84 -5.77
CA PRO A 37 19.50 0.92 -4.92
C PRO A 37 18.19 0.44 -5.58
N SER A 38 17.73 -0.74 -5.17
CA SER A 38 16.48 -1.29 -5.72
C SER A 38 15.27 -0.41 -5.39
N ALA A 39 14.19 -0.57 -6.16
CA ALA A 39 12.95 0.15 -5.91
C ALA A 39 12.45 -0.14 -4.49
N GLN A 40 12.55 -1.41 -4.08
CA GLN A 40 12.15 -1.86 -2.76
C GLN A 40 12.83 -1.02 -1.67
N THR A 41 14.16 -1.00 -1.69
CA THR A 41 14.95 -0.22 -0.73
C THR A 41 14.58 1.27 -0.68
N LEU A 42 14.26 1.83 -1.84
CA LEU A 42 13.96 3.26 -1.97
C LEU A 42 12.49 3.60 -1.69
N LYS A 43 11.66 2.56 -1.54
CA LYS A 43 10.23 2.67 -1.22
C LYS A 43 9.43 3.44 -2.26
N ILE A 44 9.94 3.49 -3.48
CA ILE A 44 9.30 4.31 -4.51
C ILE A 44 8.04 3.72 -5.13
N THR A 45 7.72 2.47 -4.83
CA THR A 45 6.50 1.87 -5.34
C THR A 45 5.29 2.16 -4.42
N ASP A 46 5.54 2.79 -3.28
CA ASP A 46 4.47 3.09 -2.31
C ASP A 46 3.83 4.44 -2.62
N PHE A 47 2.50 4.47 -2.63
CA PHE A 47 1.78 5.73 -2.82
C PHE A 47 2.07 6.70 -1.65
N SER A 48 2.35 6.15 -0.47
CA SER A 48 2.63 6.96 0.73
C SER A 48 4.10 7.39 0.94
N PHE A 49 4.90 7.25 -0.10
CA PHE A 49 6.32 7.60 -0.13
C PHE A 49 6.60 9.04 0.30
N SER A 50 7.69 9.22 1.04
CA SER A 50 8.11 10.54 1.51
C SER A 50 9.55 10.77 1.17
N ASP A 51 9.84 11.98 0.69
CA ASP A 51 11.19 12.39 0.33
C ASP A 51 11.90 13.20 1.44
N PHE A 52 11.19 13.46 2.54
CA PHE A 52 11.68 14.32 3.62
C PHE A 52 13.03 13.94 4.27
N GLU A 53 13.28 12.64 4.45
CA GLU A 53 14.55 12.17 5.04
C GLU A 53 15.62 11.90 3.99
N LEU A 54 15.34 12.15 2.72
CA LEU A 54 16.31 11.87 1.67
C LEU A 54 17.15 13.08 1.28
N SER A 55 18.42 12.82 0.97
CA SER A 55 19.34 13.83 0.50
C SER A 55 19.09 14.01 -0.98
N ASP A 56 19.65 15.08 -1.55
CA ASP A 56 19.51 15.37 -2.97
C ASP A 56 20.06 14.21 -3.81
N LEU A 57 21.23 13.70 -3.42
CA LEU A 57 21.84 12.56 -4.10
C LEU A 57 20.88 11.36 -4.07
N GLU A 58 20.24 11.11 -2.94
CA GLU A 58 19.30 10.00 -2.83
C GLU A 58 18.11 10.17 -3.77
N THR A 59 17.61 11.39 -3.93
CA THR A 59 16.52 11.62 -4.88
C THR A 59 16.95 11.39 -6.33
N ALA A 60 18.21 11.67 -6.66
CA ALA A 60 18.73 11.46 -8.00
C ALA A 60 18.84 9.96 -8.29
N LEU A 61 19.25 9.19 -7.29
CA LEU A 61 19.35 7.74 -7.39
C LEU A 61 17.96 7.14 -7.57
N CYS A 62 17.00 7.65 -6.81
CA CYS A 62 15.59 7.25 -6.91
C CYS A 62 15.10 7.45 -8.34
N THR A 63 15.48 8.58 -8.92
CA THR A 63 15.10 8.93 -10.28
C THR A 63 15.72 7.97 -11.30
N ILE A 64 16.97 7.58 -11.12
CA ILE A 64 17.61 6.62 -12.02
C ILE A 64 16.81 5.32 -11.95
N ARG A 65 16.47 4.90 -10.75
CA ARG A 65 15.72 3.66 -10.55
C ARG A 65 14.36 3.70 -11.23
N MET A 66 13.69 4.85 -11.22
CA MET A 66 12.39 4.99 -11.89
C MET A 66 12.51 4.68 -13.39
N PHE A 67 13.49 5.30 -14.04
CA PHE A 67 13.74 5.07 -15.47
C PHE A 67 14.09 3.60 -15.74
N THR A 68 14.92 3.02 -14.87
CA THR A 68 15.38 1.66 -15.04
C THR A 68 14.27 0.62 -14.93
N ASP A 69 13.45 0.76 -13.90
CA ASP A 69 12.38 -0.20 -13.62
C ASP A 69 11.16 -0.04 -14.52
N LEU A 70 11.11 1.05 -15.28
CA LEU A 70 10.08 1.23 -16.30
C LEU A 70 10.67 0.80 -17.66
N ASN A 71 11.81 0.12 -17.62
CA ASN A 71 12.51 -0.39 -18.82
C ASN A 71 12.92 0.67 -19.83
N LEU A 72 12.94 1.93 -19.42
CA LEU A 72 13.26 3.03 -20.31
C LEU A 72 14.75 3.11 -20.68
N VAL A 73 15.63 2.70 -19.76
CA VAL A 73 17.07 2.72 -20.00
C VAL A 73 17.45 1.67 -21.06
N GLN A 74 17.02 0.43 -20.83
CA GLN A 74 17.28 -0.67 -21.73
C GLN A 74 16.56 -0.50 -23.08
N ASN A 75 15.26 -0.20 -23.04
CA ASN A 75 14.47 -0.08 -24.27
C ASN A 75 14.83 1.11 -25.16
N PHE A 76 15.39 2.18 -24.59
CA PHE A 76 15.76 3.35 -25.38
C PHE A 76 17.26 3.65 -25.43
N GLN A 77 18.05 2.65 -25.04
CA GLN A 77 19.52 2.71 -25.11
C GLN A 77 20.15 3.98 -24.50
N MET A 78 19.69 4.35 -23.30
CA MET A 78 20.22 5.52 -22.60
C MET A 78 21.57 5.21 -21.96
N LYS A 79 22.58 6.01 -22.28
CA LYS A 79 23.89 5.86 -21.66
C LYS A 79 23.75 6.33 -20.22
N HIS A 80 24.27 5.56 -19.27
CA HIS A 80 24.16 5.85 -17.85
C HIS A 80 24.65 7.25 -17.45
N GLU A 81 25.78 7.66 -18.02
CA GLU A 81 26.37 8.97 -17.74
C GLU A 81 25.45 10.09 -18.23
N VAL A 82 24.86 9.89 -19.41
CA VAL A 82 23.96 10.88 -20.00
C VAL A 82 22.71 11.05 -19.15
N LEU A 83 22.15 9.96 -18.65
CA LEU A 83 20.96 10.00 -17.81
C LEU A 83 21.27 10.74 -16.50
N CYS A 84 22.43 10.44 -15.92
CA CYS A 84 22.87 11.10 -14.69
C CYS A 84 23.04 12.61 -14.91
N ARG A 85 23.67 13.02 -16.01
CA ARG A 85 23.89 14.44 -16.29
C ARG A 85 22.54 15.16 -16.48
N TRP A 86 21.63 14.53 -17.21
CA TRP A 86 20.29 15.05 -17.42
C TRP A 86 19.54 15.26 -16.09
N ILE A 87 19.54 14.25 -15.24
CA ILE A 87 18.85 14.37 -13.94
C ILE A 87 19.43 15.55 -13.13
N LEU A 88 20.75 15.68 -13.09
CA LEU A 88 21.38 16.78 -12.35
C LEU A 88 21.03 18.14 -12.95
N SER A 89 20.91 18.20 -14.27
CA SER A 89 20.54 19.42 -14.98
C SER A 89 19.12 19.83 -14.64
N VAL A 90 18.23 18.85 -14.62
CA VAL A 90 16.83 19.08 -14.29
C VAL A 90 16.76 19.62 -12.86
N LYS A 91 17.41 18.93 -11.92
CA LYS A 91 17.41 19.32 -10.51
C LYS A 91 17.98 20.74 -10.34
N LYS A 92 19.03 21.06 -11.06
CA LYS A 92 19.70 22.36 -11.01
C LYS A 92 18.82 23.50 -11.58
N ASN A 93 17.91 23.17 -12.48
CA ASN A 93 17.06 24.18 -13.09
C ASN A 93 15.74 24.45 -12.37
N TYR A 94 15.60 23.91 -11.17
CA TYR A 94 14.51 24.30 -10.28
C TYR A 94 15.16 25.31 -9.34
N ARG A 95 14.42 26.33 -8.97
CA ARG A 95 14.93 27.38 -8.09
C ARG A 95 15.00 26.94 -6.63
N LYS A 96 16.05 27.39 -5.95
CA LYS A 96 16.29 27.05 -4.55
C LYS A 96 15.70 28.08 -3.56
N ASN A 97 15.12 29.16 -4.08
CA ASN A 97 14.52 30.18 -3.22
C ASN A 97 12.98 30.17 -3.26
N VAL A 98 12.41 29.10 -3.81
CA VAL A 98 10.97 28.94 -3.90
C VAL A 98 10.56 27.84 -2.91
N ALA A 99 9.59 28.14 -2.06
CA ALA A 99 9.19 27.21 -0.99
C ALA A 99 8.57 25.90 -1.47
N TYR A 100 7.72 25.97 -2.48
CA TYR A 100 7.02 24.78 -2.98
C TYR A 100 7.44 24.26 -4.35
N HIS A 101 7.45 25.13 -5.35
CA HIS A 101 7.76 24.75 -6.74
C HIS A 101 9.25 24.57 -6.98
N ASN A 102 9.83 23.65 -6.24
CA ASN A 102 11.25 23.35 -6.31
C ASN A 102 11.44 21.89 -6.75
N TRP A 103 12.67 21.41 -6.74
CA TRP A 103 12.97 20.05 -7.19
C TRP A 103 12.18 18.97 -6.44
N ARG A 104 11.95 19.15 -5.15
CA ARG A 104 11.24 18.14 -4.37
C ARG A 104 9.82 17.93 -4.87
N HIS A 105 9.15 19.01 -5.27
CA HIS A 105 7.81 18.89 -5.82
C HIS A 105 7.83 18.08 -7.12
N ALA A 106 8.77 18.42 -8.00
CA ALA A 106 8.91 17.73 -9.28
C ALA A 106 9.25 16.27 -9.06
N PHE A 107 10.21 16.02 -8.18
CA PHE A 107 10.59 14.65 -7.83
C PHE A 107 9.39 13.84 -7.26
N ASN A 108 8.62 14.43 -6.35
CA ASN A 108 7.45 13.74 -5.77
C ASN A 108 6.39 13.45 -6.82
N THR A 109 6.24 14.36 -7.78
CA THR A 109 5.30 14.20 -8.89
C THR A 109 5.68 12.99 -9.77
N ALA A 110 6.96 12.86 -10.06
CA ALA A 110 7.49 11.74 -10.83
C ALA A 110 7.37 10.41 -10.07
N GLN A 111 7.58 10.44 -8.75
CA GLN A 111 7.44 9.24 -7.93
C GLN A 111 5.99 8.79 -7.88
N CYS A 112 5.05 9.73 -7.81
CA CYS A 112 3.64 9.38 -7.81
C CYS A 112 3.26 8.74 -9.15
N MET A 113 3.85 9.24 -10.24
CA MET A 113 3.64 8.69 -11.58
C MET A 113 4.17 7.27 -11.62
N PHE A 114 5.36 7.07 -11.08
CA PHE A 114 5.97 5.76 -11.00
C PHE A 114 5.07 4.82 -10.21
N ALA A 115 4.61 5.26 -9.05
CA ALA A 115 3.76 4.42 -8.20
C ALA A 115 2.44 4.10 -8.90
N ALA A 116 1.91 5.07 -9.66
CA ALA A 116 0.65 4.91 -10.36
C ALA A 116 0.78 3.91 -11.50
N LEU A 117 1.91 3.99 -12.20
CA LEU A 117 2.21 3.08 -13.29
C LEU A 117 2.46 1.64 -12.80
N LYS A 118 3.13 1.50 -11.64
CA LYS A 118 3.48 0.19 -11.06
C LYS A 118 2.39 -0.37 -10.12
N ALA A 119 2.29 0.16 -8.90
CA ALA A 119 1.28 -0.26 -7.94
C ALA A 119 -0.15 0.04 -8.41
N GLY A 120 -0.33 1.13 -9.15
CA GLY A 120 -1.64 1.49 -9.68
C GLY A 120 -2.00 0.70 -10.93
N LYS A 121 -1.04 -0.07 -11.45
CA LYS A 121 -1.19 -0.92 -12.63
C LYS A 121 -1.57 -0.17 -13.92
N ILE A 122 -1.20 1.10 -14.00
CA ILE A 122 -1.48 1.91 -15.19
C ILE A 122 -0.53 1.60 -16.35
N GLN A 123 0.65 1.04 -16.08
CA GLN A 123 1.64 0.84 -17.16
C GLN A 123 1.15 -0.08 -18.28
N ASN A 124 0.27 -1.02 -17.95
CA ASN A 124 -0.26 -1.94 -18.95
C ASN A 124 -1.25 -1.30 -19.93
N LYS A 125 -1.68 -0.09 -19.65
CA LYS A 125 -2.60 0.64 -20.51
C LYS A 125 -1.91 1.61 -21.47
N LEU A 126 -0.60 1.77 -21.32
CA LEU A 126 0.18 2.68 -22.15
C LEU A 126 1.40 1.99 -22.77
N THR A 127 1.90 2.62 -23.84
CA THR A 127 3.09 2.14 -24.55
C THR A 127 4.35 2.67 -23.87
N ASP A 128 5.50 2.10 -24.22
CA ASP A 128 6.76 2.54 -23.63
C ASP A 128 7.05 4.00 -23.94
N LEU A 129 6.70 4.46 -25.14
CA LEU A 129 6.94 5.84 -25.55
C LEU A 129 6.11 6.81 -24.73
N GLU A 130 4.90 6.41 -24.37
CA GLU A 130 4.02 7.25 -23.56
C GLU A 130 4.58 7.34 -22.15
N ILE A 131 5.05 6.20 -21.63
CA ILE A 131 5.63 6.12 -20.30
C ILE A 131 6.90 6.99 -20.23
N LEU A 132 7.71 6.93 -21.29
CA LEU A 132 8.93 7.73 -21.40
C LEU A 132 8.59 9.22 -21.30
N ALA A 133 7.56 9.63 -22.04
CA ALA A 133 7.14 11.01 -22.07
C ALA A 133 6.55 11.46 -20.73
N LEU A 134 5.76 10.60 -20.09
CA LEU A 134 5.15 10.94 -18.81
C LEU A 134 6.17 11.15 -17.71
N LEU A 135 7.16 10.27 -17.63
CA LEU A 135 8.18 10.39 -16.60
C LEU A 135 9.01 11.66 -16.78
N ILE A 136 9.46 11.92 -18.00
CA ILE A 136 10.23 13.12 -18.32
C ILE A 136 9.38 14.37 -18.01
N ALA A 137 8.13 14.35 -18.43
CA ALA A 137 7.24 15.48 -18.22
C ALA A 137 7.04 15.76 -16.74
N ALA A 138 6.78 14.71 -15.95
CA ALA A 138 6.58 14.85 -14.52
C ALA A 138 7.79 15.51 -13.84
N LEU A 139 8.98 15.05 -14.20
CA LEU A 139 10.21 15.60 -13.62
C LEU A 139 10.47 17.05 -14.05
N SER A 140 10.06 17.39 -15.27
CA SER A 140 10.31 18.69 -15.86
C SER A 140 9.15 19.67 -15.78
N HIS A 141 8.01 19.25 -15.25
CA HIS A 141 6.76 20.01 -15.37
C HIS A 141 6.66 21.40 -14.75
N ASP A 142 7.55 21.72 -13.81
CA ASP A 142 7.56 23.03 -13.14
C ASP A 142 8.94 23.69 -13.23
N LEU A 143 9.76 23.25 -14.18
CA LEU A 143 11.12 23.76 -14.35
C LEU A 143 11.23 25.30 -14.33
N ASP A 144 12.15 25.81 -13.51
CA ASP A 144 12.42 27.25 -13.39
C ASP A 144 11.19 28.07 -12.98
N HIS A 145 10.31 27.45 -12.18
CA HIS A 145 9.12 28.12 -11.66
C HIS A 145 9.56 29.32 -10.79
N PRO A 146 9.06 30.54 -11.08
CA PRO A 146 9.44 31.74 -10.31
C PRO A 146 8.72 31.92 -8.95
N GLY A 147 7.73 31.08 -8.68
CA GLY A 147 7.01 31.12 -7.41
C GLY A 147 5.82 32.06 -7.41
N VAL A 148 5.33 32.40 -8.59
CA VAL A 148 4.14 33.24 -8.76
C VAL A 148 3.25 32.62 -9.85
N SER A 149 1.96 32.97 -9.81
CA SER A 149 0.97 32.40 -10.71
C SER A 149 0.98 33.02 -12.11
N ASN A 150 0.28 32.36 -13.04
CA ASN A 150 0.13 32.83 -14.41
C ASN A 150 -0.47 34.20 -14.45
N GLN A 151 -1.48 34.45 -13.62
CA GLN A 151 -2.18 35.73 -13.61
C GLN A 151 -1.29 36.86 -13.13
N PHE A 152 -0.43 36.57 -12.16
CA PHE A 152 0.50 37.56 -11.63
C PHE A 152 1.51 37.98 -12.71
N LEU A 153 2.04 36.99 -13.43
CA LEU A 153 2.97 37.26 -14.53
C LEU A 153 2.26 38.08 -15.60
N ILE A 154 0.98 37.79 -15.86
CA ILE A 154 0.24 38.56 -16.86
C ILE A 154 0.09 40.01 -16.38
N ASN A 155 -0.37 40.19 -15.14
CA ASN A 155 -0.61 41.54 -14.59
C ASN A 155 0.65 42.37 -14.32
N THR A 156 1.82 41.73 -14.30
CA THR A 156 3.09 42.44 -14.09
C THR A 156 3.91 42.57 -15.38
N ASN A 157 3.30 42.26 -16.52
CA ASN A 157 3.95 42.39 -17.84
C ASN A 157 5.24 41.62 -17.96
N SER A 158 5.26 40.41 -17.38
CA SER A 158 6.42 39.53 -17.45
C SER A 158 6.75 39.22 -18.91
N GLU A 159 8.04 39.11 -19.23
CA GLU A 159 8.47 38.76 -20.58
C GLU A 159 7.89 37.39 -20.97
N LEU A 160 7.69 36.51 -20.00
CA LEU A 160 7.08 35.20 -20.26
C LEU A 160 5.65 35.33 -20.78
N ALA A 161 4.88 36.24 -20.19
CA ALA A 161 3.49 36.44 -20.60
C ALA A 161 3.43 36.94 -22.05
N LEU A 162 4.32 37.87 -22.39
CA LEU A 162 4.37 38.36 -23.75
C LEU A 162 4.69 37.24 -24.74
N MET A 163 5.73 36.47 -24.43
CA MET A 163 6.20 35.39 -25.32
C MET A 163 5.15 34.34 -25.66
N TYR A 164 4.34 33.99 -24.68
CA TYR A 164 3.36 32.92 -24.83
C TYR A 164 1.92 33.43 -24.89
N ASN A 165 1.76 34.71 -25.26
CA ASN A 165 0.45 35.34 -25.46
C ASN A 165 -0.53 35.12 -24.33
N ASP A 166 -0.04 35.13 -23.09
CA ASP A 166 -0.87 34.93 -21.89
C ASP A 166 -1.52 33.54 -21.77
N GLU A 167 -1.13 32.59 -22.60
CA GLU A 167 -1.75 31.25 -22.57
C GLU A 167 -0.83 30.29 -21.83
N SER A 168 -1.37 29.60 -20.82
CA SER A 168 -0.59 28.68 -19.99
C SER A 168 0.88 29.13 -20.00
N VAL A 169 1.11 30.34 -19.50
CA VAL A 169 2.41 31.00 -19.55
C VAL A 169 3.54 30.19 -18.91
N LEU A 170 3.36 29.85 -17.64
CA LEU A 170 4.33 29.08 -16.89
C LEU A 170 4.63 27.73 -17.54
N GLU A 171 3.57 27.05 -17.95
CA GLU A 171 3.65 25.72 -18.52
C GLU A 171 4.43 25.71 -19.84
N HIS A 172 4.21 26.72 -20.66
CA HIS A 172 4.98 26.88 -21.89
C HIS A 172 6.42 27.10 -21.54
N HIS A 173 6.68 27.91 -20.50
CA HIS A 173 8.05 28.17 -20.05
C HIS A 173 8.69 26.88 -19.57
N HIS A 174 7.96 26.09 -18.79
CA HIS A 174 8.47 24.82 -18.26
C HIS A 174 8.86 23.86 -19.39
N PHE A 175 8.02 23.77 -20.41
CA PHE A 175 8.33 22.90 -21.55
C PHE A 175 9.56 23.41 -22.31
N ASP A 176 9.66 24.72 -22.48
CA ASP A 176 10.82 25.32 -23.14
C ASP A 176 12.14 24.95 -22.43
N GLN A 177 12.12 24.97 -21.10
CA GLN A 177 13.27 24.59 -20.28
C GLN A 177 13.55 23.11 -20.41
N CYS A 178 12.51 22.30 -20.42
CA CYS A 178 12.63 20.85 -20.60
C CYS A 178 13.32 20.57 -21.94
N LEU A 179 12.83 21.20 -23.00
CA LEU A 179 13.39 21.07 -24.34
C LEU A 179 14.86 21.52 -24.39
N MET A 180 15.16 22.62 -23.71
CA MET A 180 16.51 23.19 -23.67
C MET A 180 17.51 22.21 -23.06
N ILE A 181 17.09 21.54 -21.99
CA ILE A 181 17.94 20.59 -21.29
C ILE A 181 18.13 19.32 -22.12
N LEU A 182 17.02 18.79 -22.65
CA LEU A 182 17.03 17.59 -23.49
C LEU A 182 17.93 17.73 -24.72
N ASN A 183 18.16 18.97 -25.16
CA ASN A 183 18.97 19.25 -26.35
C ASN A 183 20.41 19.65 -26.03
N SER A 184 20.71 19.98 -24.77
CA SER A 184 22.06 20.39 -24.40
C SER A 184 23.05 19.20 -24.45
N PRO A 185 24.29 19.47 -24.85
CA PRO A 185 25.30 18.42 -25.00
C PRO A 185 25.53 17.61 -23.72
N GLY A 186 25.52 16.29 -23.85
CA GLY A 186 25.74 15.38 -22.74
C GLY A 186 24.49 15.05 -21.94
N ASN A 187 23.37 15.70 -22.28
CA ASN A 187 22.09 15.51 -21.58
C ASN A 187 21.01 14.88 -22.47
N GLN A 188 21.37 14.49 -23.69
CA GLN A 188 20.38 14.01 -24.67
C GLN A 188 19.92 12.57 -24.42
N ILE A 189 19.04 12.40 -23.44
CA ILE A 189 18.53 11.07 -23.10
C ILE A 189 17.63 10.46 -24.17
N LEU A 190 17.17 11.26 -25.14
CA LEU A 190 16.34 10.77 -26.23
C LEU A 190 17.12 10.57 -27.55
N SER A 191 18.44 10.49 -27.49
CA SER A 191 19.24 10.31 -28.72
C SER A 191 19.06 8.93 -29.39
N GLY A 192 18.61 7.95 -28.61
CA GLY A 192 18.39 6.60 -29.11
C GLY A 192 17.09 6.43 -29.91
N LEU A 193 16.23 7.44 -29.87
CA LEU A 193 14.98 7.41 -30.60
C LEU A 193 15.17 7.79 -32.07
N SER A 194 14.42 7.17 -32.96
CA SER A 194 14.44 7.55 -34.37
C SER A 194 13.84 8.97 -34.45
N ILE A 195 13.97 9.63 -35.59
CA ILE A 195 13.42 10.98 -35.75
C ILE A 195 11.90 11.00 -35.56
N GLU A 196 11.20 10.00 -36.10
CA GLU A 196 9.73 9.91 -35.96
C GLU A 196 9.35 9.79 -34.49
N GLU A 197 10.01 8.89 -33.77
CA GLU A 197 9.75 8.67 -32.34
C GLU A 197 10.01 9.91 -31.51
N TYR A 198 11.07 10.64 -31.86
CA TYR A 198 11.48 11.82 -31.11
C TYR A 198 10.44 12.93 -31.27
N LYS A 199 9.91 13.11 -32.49
CA LYS A 199 8.89 14.12 -32.76
C LYS A 199 7.65 13.79 -31.95
N THR A 200 7.26 12.52 -32.00
CA THR A 200 6.08 12.04 -31.29
C THR A 200 6.21 12.22 -29.79
N THR A 201 7.39 11.91 -29.25
CA THR A 201 7.62 11.97 -27.81
C THR A 201 7.54 13.40 -27.28
N LEU A 202 8.13 14.34 -28.00
CA LEU A 202 8.14 15.75 -27.61
C LEU A 202 6.73 16.33 -27.63
N LYS A 203 5.90 15.85 -28.55
CA LYS A 203 4.52 16.29 -28.64
C LYS A 203 3.77 15.84 -27.38
N ILE A 204 4.00 14.60 -26.95
CA ILE A 204 3.36 14.05 -25.75
C ILE A 204 3.83 14.78 -24.50
N ILE A 205 5.15 14.99 -24.40
CA ILE A 205 5.72 15.73 -23.28
C ILE A 205 5.13 17.12 -23.19
N LYS A 206 5.01 17.82 -24.33
CA LYS A 206 4.49 19.19 -24.34
C LYS A 206 3.05 19.23 -23.84
N GLN A 207 2.21 18.34 -24.36
CA GLN A 207 0.80 18.26 -23.95
C GLN A 207 0.66 17.88 -22.48
N ALA A 208 1.57 17.05 -21.98
CA ALA A 208 1.55 16.61 -20.60
C ALA A 208 1.92 17.75 -19.64
N ILE A 209 2.89 18.58 -20.03
CA ILE A 209 3.31 19.70 -19.19
C ILE A 209 2.19 20.76 -19.24
N LEU A 210 1.62 21.02 -20.42
CA LEU A 210 0.55 22.00 -20.56
C LEU A 210 -0.68 21.58 -19.75
N ALA A 211 -0.88 20.28 -19.59
CA ALA A 211 -2.01 19.74 -18.84
C ALA A 211 -1.96 20.10 -17.35
N THR A 212 -0.76 20.34 -16.81
CA THR A 212 -0.60 20.72 -15.40
C THR A 212 -1.09 22.15 -15.11
N ASP A 213 -1.52 22.88 -16.14
CA ASP A 213 -2.18 24.17 -15.93
C ASP A 213 -3.57 23.80 -15.37
N LEU A 214 -3.80 24.10 -14.10
CA LEU A 214 -5.07 23.74 -13.45
C LEU A 214 -6.32 24.30 -14.15
N ALA A 215 -6.17 25.44 -14.81
CA ALA A 215 -7.26 26.04 -15.57
C ALA A 215 -7.71 25.12 -16.70
N LEU A 216 -6.74 24.43 -17.31
CA LEU A 216 -7.05 23.48 -18.38
C LEU A 216 -7.66 22.21 -17.85
N TYR A 217 -7.25 21.77 -16.65
CA TYR A 217 -7.85 20.58 -16.04
C TYR A 217 -9.34 20.85 -15.79
N ILE A 218 -9.64 22.01 -15.22
CA ILE A 218 -11.04 22.38 -14.92
C ILE A 218 -11.88 22.44 -16.19
N LYS A 219 -11.27 22.93 -17.27
CA LYS A 219 -11.95 23.04 -18.56
C LYS A 219 -12.29 21.69 -19.19
N ARG A 220 -11.40 20.70 -19.04
CA ARG A 220 -11.57 19.40 -19.72
C ARG A 220 -12.04 18.23 -18.86
N ARG A 221 -12.01 18.39 -17.54
CA ARG A 221 -12.36 17.29 -16.64
C ARG A 221 -13.75 16.72 -16.90
N GLY A 222 -14.67 17.57 -17.30
CA GLY A 222 -16.04 17.16 -17.57
C GLY A 222 -16.14 16.07 -18.63
N GLU A 223 -15.37 16.17 -19.69
CA GLU A 223 -15.42 15.18 -20.77
C GLU A 223 -14.92 13.83 -20.25
N PHE A 224 -13.84 13.85 -19.45
CA PHE A 224 -13.29 12.63 -18.88
C PHE A 224 -14.30 11.94 -17.96
N PHE A 225 -14.90 12.70 -17.05
CA PHE A 225 -15.87 12.17 -16.10
C PHE A 225 -17.08 11.58 -16.83
N GLU A 226 -17.51 12.23 -17.91
CA GLU A 226 -18.68 11.75 -18.67
C GLU A 226 -18.39 10.45 -19.41
N LEU A 227 -17.15 10.30 -19.89
CA LEU A 227 -16.74 9.07 -20.56
C LEU A 227 -16.76 7.89 -19.60
N ILE A 228 -16.31 8.11 -18.36
CA ILE A 228 -16.30 7.06 -17.34
C ILE A 228 -17.72 6.71 -16.92
N ARG A 229 -18.55 7.74 -16.73
CA ARG A 229 -19.94 7.56 -16.31
C ARG A 229 -20.78 6.71 -17.29
N LYS A 230 -20.53 6.88 -18.59
CA LYS A 230 -21.27 6.18 -19.65
C LYS A 230 -20.60 4.91 -20.15
N ASN A 231 -19.51 4.49 -19.50
CA ASN A 231 -18.76 3.29 -19.88
C ASN A 231 -18.31 3.35 -21.33
N GLN A 232 -17.85 4.52 -21.75
CA GLN A 232 -17.38 4.74 -23.11
C GLN A 232 -15.91 5.11 -23.15
N PHE A 233 -15.21 4.93 -22.04
CA PHE A 233 -13.80 5.23 -21.97
C PHE A 233 -13.06 4.25 -22.87
N ASN A 234 -12.34 4.79 -23.86
CA ASN A 234 -11.64 4.01 -24.87
C ASN A 234 -10.24 4.59 -25.13
N LEU A 235 -9.22 3.94 -24.59
CA LEU A 235 -7.83 4.40 -24.71
C LEU A 235 -7.25 4.28 -26.13
N GLU A 236 -7.93 3.54 -26.99
CA GLU A 236 -7.52 3.41 -28.40
C GLU A 236 -7.85 4.67 -29.19
N ASP A 237 -8.76 5.48 -28.65
CA ASP A 237 -9.12 6.74 -29.27
C ASP A 237 -7.99 7.71 -28.91
N PRO A 238 -7.38 8.39 -29.89
CA PRO A 238 -6.24 9.28 -29.60
C PRO A 238 -6.58 10.52 -28.75
N HIS A 239 -7.77 11.04 -28.95
CA HIS A 239 -8.23 12.19 -28.18
C HIS A 239 -8.37 11.77 -26.71
N GLN A 240 -8.96 10.60 -26.47
CA GLN A 240 -9.19 10.11 -25.12
C GLN A 240 -7.90 9.66 -24.46
N LYS A 241 -6.92 9.22 -25.26
CA LYS A 241 -5.62 8.81 -24.72
C LYS A 241 -4.93 10.06 -24.18
N GLU A 242 -4.91 11.12 -24.99
CA GLU A 242 -4.32 12.41 -24.60
C GLU A 242 -5.01 12.98 -23.36
N LEU A 243 -6.33 12.83 -23.31
CA LEU A 243 -7.15 13.28 -22.18
C LEU A 243 -6.74 12.55 -20.92
N PHE A 244 -6.61 11.24 -21.02
CA PHE A 244 -6.23 10.42 -19.89
C PHE A 244 -4.84 10.79 -19.37
N LEU A 245 -3.89 11.00 -20.29
CA LEU A 245 -2.54 11.42 -19.89
C LEU A 245 -2.58 12.76 -19.15
N ALA A 246 -3.46 13.65 -19.58
CA ALA A 246 -3.64 14.95 -18.94
C ALA A 246 -4.13 14.79 -17.49
N MET A 247 -5.12 13.94 -17.29
CA MET A 247 -5.70 13.71 -15.95
C MET A 247 -4.71 13.01 -15.01
N LEU A 248 -3.87 12.16 -15.58
CA LEU A 248 -2.87 11.45 -14.82
C LEU A 248 -1.80 12.44 -14.33
N MET A 249 -1.46 13.41 -15.18
CA MET A 249 -0.46 14.40 -14.85
C MET A 249 -0.99 15.25 -13.71
N THR A 250 -2.26 15.62 -13.79
CA THR A 250 -2.89 16.41 -12.74
C THR A 250 -2.92 15.60 -11.43
N ALA A 251 -3.28 14.33 -11.54
CA ALA A 251 -3.36 13.46 -10.38
C ALA A 251 -2.01 13.36 -9.67
N CYS A 252 -0.93 13.31 -10.45
CA CYS A 252 0.40 13.23 -9.87
C CYS A 252 0.83 14.58 -9.27
N ASP A 253 0.54 15.66 -9.99
CA ASP A 253 0.87 17.03 -9.59
C ASP A 253 0.20 17.42 -8.26
N LEU A 254 -1.01 16.95 -8.00
CA LEU A 254 -1.72 17.30 -6.78
C LEU A 254 -1.60 16.22 -5.69
N SER A 255 -0.80 15.19 -5.94
CA SER A 255 -0.73 14.02 -5.04
C SER A 255 -0.32 14.24 -3.59
N ALA A 256 0.24 15.41 -3.25
CA ALA A 256 0.53 15.71 -1.84
C ALA A 256 -0.75 15.70 -1.00
N ILE A 257 -1.88 16.01 -1.64
CA ILE A 257 -3.18 16.02 -0.98
C ILE A 257 -3.65 14.63 -0.56
N THR A 258 -3.01 13.59 -1.09
CA THR A 258 -3.32 12.20 -0.76
C THR A 258 -2.34 11.57 0.23
N LYS A 259 -1.27 12.27 0.57
CA LYS A 259 -0.22 11.72 1.43
C LYS A 259 -0.62 11.61 2.90
N PRO A 260 0.08 10.78 3.68
CA PRO A 260 -0.16 10.73 5.12
C PRO A 260 -0.16 12.15 5.71
N TRP A 261 -0.95 12.32 6.75
CA TRP A 261 -1.19 13.61 7.38
C TRP A 261 0.04 14.48 7.65
N PRO A 262 1.10 13.97 8.28
CA PRO A 262 2.26 14.81 8.58
C PRO A 262 2.90 15.38 7.32
N ILE A 263 2.88 14.62 6.23
CA ILE A 263 3.42 15.08 4.96
C ILE A 263 2.53 16.16 4.35
N GLN A 264 1.21 15.92 4.33
CA GLN A 264 0.26 16.88 3.78
C GLN A 264 0.23 18.19 4.60
N GLN A 265 0.31 18.12 5.92
CA GLN A 265 0.31 19.36 6.70
C GLN A 265 1.55 20.21 6.37
N ARG A 266 2.69 19.54 6.23
CA ARG A 266 3.95 20.21 5.92
C ARG A 266 3.92 20.83 4.52
N ILE A 267 3.44 20.07 3.54
CA ILE A 267 3.40 20.55 2.18
C ILE A 267 2.38 21.68 2.01
N ALA A 268 1.24 21.57 2.66
CA ALA A 268 0.23 22.63 2.58
C ALA A 268 0.76 23.98 3.06
N GLU A 269 1.65 23.96 4.05
CA GLU A 269 2.25 25.18 4.58
C GLU A 269 3.25 25.77 3.56
N LEU A 270 3.89 24.90 2.78
CA LEU A 270 4.80 25.34 1.71
C LEU A 270 4.01 26.05 0.61
N VAL A 271 2.89 25.44 0.22
CA VAL A 271 2.00 26.03 -0.78
C VAL A 271 1.50 27.40 -0.31
N ALA A 272 1.05 27.48 0.94
CA ALA A 272 0.55 28.74 1.51
C ALA A 272 1.63 29.81 1.57
N THR A 273 2.87 29.40 1.85
CA THR A 273 4.00 30.30 1.90
C THR A 273 4.15 31.06 0.57
N GLU A 274 4.13 30.32 -0.53
CA GLU A 274 4.25 30.92 -1.87
C GLU A 274 3.09 31.80 -2.23
N PHE A 275 1.88 31.34 -1.91
CA PHE A 275 0.66 32.07 -2.20
C PHE A 275 0.59 33.37 -1.41
N PHE A 276 0.91 33.31 -0.12
CA PHE A 276 0.86 34.51 0.73
C PHE A 276 1.89 35.55 0.30
N ASP A 277 3.07 35.09 -0.11
CA ASP A 277 4.11 36.00 -0.58
C ASP A 277 3.64 36.71 -1.84
N GLN A 278 2.98 35.99 -2.74
CA GLN A 278 2.48 36.63 -3.97
C GLN A 278 1.43 37.66 -3.57
N GLY A 279 0.55 37.28 -2.65
CA GLY A 279 -0.48 38.19 -2.18
C GLY A 279 0.09 39.49 -1.63
N ASP A 280 1.22 39.40 -0.95
CA ASP A 280 1.87 40.58 -0.39
C ASP A 280 2.37 41.51 -1.51
N ARG A 281 2.87 40.91 -2.60
CA ARG A 281 3.30 41.68 -3.75
C ARG A 281 2.09 42.33 -4.45
N GLU A 282 0.98 41.60 -4.53
CA GLU A 282 -0.24 42.10 -5.15
C GLU A 282 -0.77 43.32 -4.41
N ARG A 283 -0.75 43.26 -3.09
CA ARG A 283 -1.23 44.34 -2.24
C ARG A 283 -0.36 45.59 -2.36
N LYS A 284 0.96 45.40 -2.45
CA LYS A 284 1.90 46.50 -2.49
C LYS A 284 2.14 47.06 -3.90
N GLU A 285 2.51 46.19 -4.83
CA GLU A 285 2.85 46.62 -6.19
C GLU A 285 1.65 46.87 -7.09
N LEU A 286 0.62 46.03 -7.00
CA LEU A 286 -0.56 46.17 -7.86
C LEU A 286 -1.74 46.89 -7.22
N ASN A 287 -1.68 47.14 -5.91
CA ASN A 287 -2.75 47.80 -5.18
C ASN A 287 -4.11 47.09 -5.29
N ILE A 288 -4.10 45.77 -5.19
CA ILE A 288 -5.35 45.01 -5.20
C ILE A 288 -5.40 44.13 -3.96
N GLU A 289 -6.59 43.96 -3.39
CA GLU A 289 -6.76 43.08 -2.24
C GLU A 289 -6.67 41.65 -2.78
N PRO A 290 -5.70 40.87 -2.30
CA PRO A 290 -5.56 39.50 -2.79
C PRO A 290 -6.75 38.64 -2.38
N THR A 291 -6.99 37.58 -3.15
CA THR A 291 -8.02 36.60 -2.88
C THR A 291 -7.64 35.86 -1.61
N ASP A 292 -8.61 35.15 -1.03
CA ASP A 292 -8.39 34.42 0.23
C ASP A 292 -7.16 33.52 0.20
N LEU A 293 -7.03 32.70 -0.82
CA LEU A 293 -5.88 31.80 -0.87
C LEU A 293 -4.51 32.52 -0.89
N MET A 294 -4.49 33.77 -1.34
CA MET A 294 -3.27 34.57 -1.43
C MET A 294 -3.13 35.61 -0.31
N ASN A 295 -4.12 35.63 0.58
CA ASN A 295 -4.22 36.60 1.67
C ASN A 295 -3.81 35.98 2.99
N ARG A 296 -2.69 36.48 3.50
CA ARG A 296 -2.06 36.10 4.76
C ARG A 296 -3.01 36.25 5.99
N GLU A 297 -4.00 37.13 5.88
CA GLU A 297 -5.02 37.33 6.92
C GLU A 297 -5.85 36.06 7.13
N LYS A 298 -5.90 35.22 6.10
CA LYS A 298 -6.64 33.97 6.12
C LYS A 298 -5.78 32.76 6.49
N LYS A 299 -4.62 32.98 7.11
CA LYS A 299 -3.76 31.87 7.51
C LYS A 299 -4.53 30.91 8.43
N ASN A 300 -5.33 31.47 9.33
CA ASN A 300 -6.13 30.67 10.26
C ASN A 300 -7.23 29.85 9.57
N LYS A 301 -7.53 30.20 8.31
CA LYS A 301 -8.53 29.51 7.51
C LYS A 301 -7.94 28.52 6.50
N ILE A 302 -6.64 28.24 6.59
CA ILE A 302 -6.02 27.28 5.69
C ILE A 302 -6.78 25.93 5.71
N PRO A 303 -7.17 25.41 6.88
CA PRO A 303 -7.95 24.16 6.92
C PRO A 303 -9.22 24.19 6.07
N SER A 304 -10.03 25.24 6.19
CA SER A 304 -11.24 25.34 5.40
C SER A 304 -10.92 25.48 3.92
N MET A 305 -9.79 26.13 3.60
CA MET A 305 -9.38 26.32 2.21
C MET A 305 -8.89 25.01 1.60
N GLN A 306 -8.26 24.15 2.40
CA GLN A 306 -7.81 22.85 1.92
C GLN A 306 -9.01 21.93 1.69
N VAL A 307 -10.01 21.98 2.56
CA VAL A 307 -11.22 21.18 2.41
C VAL A 307 -11.95 21.63 1.13
N GLY A 308 -11.93 22.94 0.87
CA GLY A 308 -12.57 23.54 -0.29
C GLY A 308 -11.88 23.09 -1.58
N PHE A 309 -10.55 23.01 -1.53
CA PHE A 309 -9.76 22.55 -2.67
C PHE A 309 -10.00 21.06 -2.92
N ILE A 310 -10.05 20.26 -1.86
CA ILE A 310 -10.33 18.82 -1.98
C ILE A 310 -11.72 18.59 -2.62
N ASP A 311 -12.72 19.33 -2.17
CA ASP A 311 -14.09 19.17 -2.68
C ASP A 311 -14.27 19.63 -4.13
N ALA A 312 -13.65 20.75 -4.48
CA ALA A 312 -13.83 21.34 -5.80
C ALA A 312 -12.97 20.68 -6.87
N ILE A 313 -11.79 20.17 -6.49
CA ILE A 313 -10.86 19.63 -7.48
C ILE A 313 -10.51 18.14 -7.30
N CYS A 314 -9.94 17.81 -6.15
CA CYS A 314 -9.31 16.52 -5.94
C CYS A 314 -10.17 15.27 -5.83
N LEU A 315 -11.25 15.36 -5.06
CA LEU A 315 -12.08 14.20 -4.81
C LEU A 315 -12.50 13.51 -6.08
N GLN A 316 -13.15 14.25 -6.98
CA GLN A 316 -13.67 13.64 -8.21
C GLN A 316 -12.58 13.13 -9.14
N LEU A 317 -11.42 13.78 -9.15
CA LEU A 317 -10.31 13.34 -9.98
C LEU A 317 -9.85 11.96 -9.51
N TYR A 318 -9.62 11.80 -8.21
CA TYR A 318 -9.16 10.50 -7.70
C TYR A 318 -10.26 9.42 -7.74
N GLU A 319 -11.53 9.83 -7.71
CA GLU A 319 -12.65 8.91 -7.85
C GLU A 319 -12.64 8.36 -9.28
N ALA A 320 -12.46 9.26 -10.25
CA ALA A 320 -12.39 8.89 -11.66
C ALA A 320 -11.21 7.96 -11.93
N LEU A 321 -10.06 8.24 -11.34
CA LEU A 321 -8.87 7.40 -11.54
C LEU A 321 -9.09 6.02 -10.97
N THR A 322 -9.82 5.94 -9.87
CA THR A 322 -10.17 4.67 -9.23
C THR A 322 -11.06 3.83 -10.15
N HIS A 323 -12.01 4.47 -10.84
CA HIS A 323 -12.87 3.74 -11.78
C HIS A 323 -12.01 3.17 -12.92
N VAL A 324 -11.03 3.94 -13.38
CA VAL A 324 -10.10 3.52 -14.43
C VAL A 324 -9.26 2.33 -13.95
N SER A 325 -8.67 2.44 -12.76
CA SER A 325 -7.89 1.35 -12.17
C SER A 325 -8.15 1.27 -10.66
N GLU A 326 -8.74 0.17 -10.21
CA GLU A 326 -9.05 -0.01 -8.80
C GLU A 326 -7.81 0.03 -7.89
N ASP A 327 -6.63 -0.25 -8.46
CA ASP A 327 -5.40 -0.20 -7.68
C ASP A 327 -4.92 1.22 -7.43
N CYS A 328 -5.65 2.20 -7.95
CA CYS A 328 -5.36 3.61 -7.66
C CYS A 328 -6.20 4.08 -6.48
N PHE A 329 -6.98 3.17 -5.89
CA PHE A 329 -7.82 3.50 -4.74
C PHE A 329 -7.07 4.18 -3.57
N PRO A 330 -5.84 3.75 -3.26
CA PRO A 330 -5.07 4.40 -2.19
C PRO A 330 -4.92 5.93 -2.34
N LEU A 331 -4.91 6.47 -3.55
CA LEU A 331 -4.85 7.92 -3.73
C LEU A 331 -6.14 8.58 -3.22
N LEU A 332 -7.29 8.03 -3.61
CA LEU A 332 -8.61 8.50 -3.17
C LEU A 332 -8.75 8.38 -1.65
N ASP A 333 -8.32 7.23 -1.13
CA ASP A 333 -8.37 6.97 0.29
C ASP A 333 -7.53 8.00 1.07
N GLY A 334 -6.36 8.34 0.54
CA GLY A 334 -5.46 9.26 1.21
C GLY A 334 -6.02 10.67 1.20
N CYS A 335 -6.66 11.02 0.10
CA CYS A 335 -7.30 12.31 -0.06
C CYS A 335 -8.45 12.45 0.93
N ARG A 336 -9.31 11.44 1.03
CA ARG A 336 -10.42 11.46 1.96
C ARG A 336 -9.96 11.60 3.40
N LYS A 337 -8.88 10.92 3.77
CA LYS A 337 -8.37 10.97 5.15
C LYS A 337 -7.88 12.39 5.50
N ASN A 338 -7.26 13.06 4.53
CA ASN A 338 -6.78 14.42 4.73
C ASN A 338 -7.93 15.42 4.82
N ARG A 339 -9.01 15.17 4.09
CA ARG A 339 -10.19 16.02 4.20
C ARG A 339 -10.74 15.93 5.63
N GLN A 340 -10.77 14.73 6.21
CA GLN A 340 -11.22 14.54 7.59
C GLN A 340 -10.36 15.33 8.57
N LYS A 341 -9.05 15.19 8.41
CA LYS A 341 -8.08 15.87 9.26
C LYS A 341 -8.21 17.41 9.17
N TRP A 342 -8.27 17.94 7.95
CA TRP A 342 -8.43 19.38 7.78
C TRP A 342 -9.79 19.90 8.28
N GLN A 343 -10.86 19.14 8.08
CA GLN A 343 -12.19 19.55 8.50
C GLN A 343 -12.28 19.61 10.02
N ALA A 344 -11.58 18.71 10.70
CA ALA A 344 -11.53 18.72 12.16
C ALA A 344 -10.90 20.03 12.66
N LEU A 345 -9.89 20.53 11.95
CA LEU A 345 -9.24 21.80 12.31
C LEU A 345 -10.03 23.04 11.88
N ALA A 346 -10.89 22.89 10.88
CA ALA A 346 -11.71 23.98 10.37
C ALA A 346 -12.94 24.26 11.25
N GLU A 347 -13.47 23.22 11.89
CA GLU A 347 -14.66 23.32 12.71
C GLU A 347 -14.35 24.02 14.04
N GLU B 22 -32.32 -8.65 24.61
CA GLU B 22 -30.95 -9.18 24.86
C GLU B 22 -29.91 -8.39 24.03
N GLU B 23 -28.71 -8.24 24.59
CA GLU B 23 -27.61 -7.52 23.96
C GLU B 23 -27.05 -8.23 22.72
N GLU B 24 -26.86 -9.54 22.86
CA GLU B 24 -26.34 -10.36 21.77
C GLU B 24 -27.32 -10.49 20.59
N THR B 25 -28.62 -10.47 20.88
CA THR B 25 -29.65 -10.56 19.84
C THR B 25 -29.82 -9.24 19.07
N ARG B 26 -29.43 -8.13 19.68
CA ARG B 26 -29.51 -6.81 19.07
C ARG B 26 -28.29 -6.58 18.18
N GLU B 27 -27.23 -7.31 18.49
CA GLU B 27 -25.98 -7.25 17.75
C GLU B 27 -26.08 -8.10 16.48
N LEU B 28 -26.81 -9.21 16.60
CA LEU B 28 -27.04 -10.12 15.49
C LEU B 28 -27.97 -9.49 14.47
N GLN B 29 -29.01 -8.82 14.94
CA GLN B 29 -29.98 -8.19 14.06
C GLN B 29 -29.38 -7.00 13.32
N SER B 30 -28.49 -6.28 14.00
CA SER B 30 -27.82 -5.12 13.39
C SER B 30 -26.86 -5.56 12.30
N LEU B 31 -26.07 -6.59 12.57
CA LEU B 31 -25.12 -7.13 11.60
C LEU B 31 -25.86 -7.71 10.39
N ALA B 32 -26.89 -8.50 10.64
CA ALA B 32 -27.68 -9.15 9.59
C ALA B 32 -28.42 -8.19 8.68
N ALA B 33 -28.86 -7.04 9.19
CA ALA B 33 -29.62 -6.06 8.39
C ALA B 33 -28.71 -5.08 7.67
N ALA B 34 -27.45 -5.01 8.10
CA ALA B 34 -26.50 -4.06 7.55
C ALA B 34 -26.13 -4.35 6.10
N VAL B 35 -25.90 -3.30 5.35
CA VAL B 35 -25.41 -3.46 3.99
C VAL B 35 -23.95 -3.83 4.14
N VAL B 36 -23.50 -4.71 3.27
CA VAL B 36 -22.13 -5.17 3.22
C VAL B 36 -21.39 -4.33 2.19
N PRO B 37 -20.43 -3.50 2.62
CA PRO B 37 -19.67 -2.70 1.65
C PRO B 37 -18.76 -3.58 0.78
N SER B 38 -18.36 -3.05 -0.36
CA SER B 38 -17.50 -3.77 -1.29
C SER B 38 -16.15 -4.10 -0.66
N ALA B 39 -15.45 -5.06 -1.24
CA ALA B 39 -14.11 -5.42 -0.80
C ALA B 39 -13.17 -4.23 -0.97
N GLN B 40 -13.38 -3.46 -2.04
CA GLN B 40 -12.59 -2.24 -2.33
C GLN B 40 -12.71 -1.22 -1.18
N THR B 41 -13.94 -0.87 -0.84
CA THR B 41 -14.24 0.07 0.23
C THR B 41 -13.61 -0.35 1.57
N LEU B 42 -13.66 -1.64 1.85
CA LEU B 42 -13.15 -2.21 3.09
C LEU B 42 -11.63 -2.43 3.09
N LYS B 43 -11.04 -2.33 1.90
CA LYS B 43 -9.60 -2.47 1.70
C LYS B 43 -9.05 -3.86 2.03
N ILE B 44 -9.92 -4.86 2.00
CA ILE B 44 -9.54 -6.23 2.33
C ILE B 44 -8.83 -6.98 1.21
N THR B 45 -8.78 -6.39 0.02
CA THR B 45 -8.04 -6.97 -1.09
C THR B 45 -6.55 -6.59 -1.00
N ASP B 46 -6.24 -5.60 -0.16
CA ASP B 46 -4.88 -5.10 -0.05
C ASP B 46 -4.10 -5.85 1.01
N PHE B 47 -2.88 -6.26 0.68
CA PHE B 47 -2.05 -6.98 1.62
C PHE B 47 -1.65 -6.10 2.83
N SER B 48 -1.68 -4.79 2.66
CA SER B 48 -1.30 -3.85 3.72
C SER B 48 -2.48 -3.38 4.62
N PHE B 49 -3.58 -4.13 4.57
CA PHE B 49 -4.78 -3.85 5.36
C PHE B 49 -4.52 -3.74 6.86
N SER B 50 -5.19 -2.76 7.47
CA SER B 50 -5.13 -2.51 8.90
C SER B 50 -6.54 -2.51 9.45
N ASP B 51 -6.71 -3.18 10.57
CA ASP B 51 -8.00 -3.28 11.27
C ASP B 51 -8.13 -2.29 12.42
N PHE B 52 -7.07 -1.53 12.69
CA PHE B 52 -7.03 -0.66 13.89
C PHE B 52 -8.12 0.41 14.03
N GLU B 53 -8.57 1.01 12.94
CA GLU B 53 -9.62 2.03 13.03
C GLU B 53 -11.02 1.43 12.87
N LEU B 54 -11.12 0.11 12.83
CA LEU B 54 -12.41 -0.55 12.64
C LEU B 54 -13.06 -0.99 13.93
N SER B 55 -14.37 -0.83 14.03
CA SER B 55 -15.13 -1.33 15.17
C SER B 55 -15.30 -2.86 15.00
N ASP B 56 -15.80 -3.52 16.03
CA ASP B 56 -16.06 -4.96 15.97
C ASP B 56 -17.09 -5.29 14.89
N LEU B 57 -18.15 -4.48 14.80
CA LEU B 57 -19.19 -4.65 13.79
C LEU B 57 -18.57 -4.60 12.39
N GLU B 58 -17.68 -3.64 12.18
CA GLU B 58 -17.04 -3.47 10.88
C GLU B 58 -16.20 -4.68 10.49
N THR B 59 -15.46 -5.25 11.43
CA THR B 59 -14.69 -6.48 11.16
C THR B 59 -15.63 -7.63 10.83
N ALA B 60 -16.81 -7.66 11.44
CA ALA B 60 -17.77 -8.73 11.15
C ALA B 60 -18.28 -8.58 9.72
N LEU B 61 -18.50 -7.33 9.31
CA LEU B 61 -18.94 -7.01 7.94
C LEU B 61 -17.88 -7.37 6.92
N CYS B 62 -16.62 -7.14 7.27
CA CYS B 62 -15.50 -7.49 6.41
C CYS B 62 -15.47 -9.00 6.19
N THR B 63 -15.78 -9.74 7.25
CA THR B 63 -15.81 -11.19 7.22
C THR B 63 -16.93 -11.72 6.32
N ILE B 64 -18.11 -11.10 6.37
CA ILE B 64 -19.20 -11.51 5.49
C ILE B 64 -18.74 -11.29 4.04
N ARG B 65 -18.09 -10.16 3.78
CA ARG B 65 -17.63 -9.84 2.43
C ARG B 65 -16.59 -10.85 1.94
N MET B 66 -15.78 -11.38 2.86
CA MET B 66 -14.79 -12.40 2.49
C MET B 66 -15.48 -13.67 2.01
N PHE B 67 -16.46 -14.14 2.78
CA PHE B 67 -17.23 -15.34 2.43
C PHE B 67 -17.98 -15.12 1.10
N THR B 68 -18.46 -13.90 0.88
CA THR B 68 -19.25 -13.56 -0.30
C THR B 68 -18.42 -13.54 -1.60
N ASP B 69 -17.32 -12.81 -1.56
CA ASP B 69 -16.48 -12.62 -2.75
C ASP B 69 -15.64 -13.83 -3.14
N LEU B 70 -15.50 -14.79 -2.21
CA LEU B 70 -14.84 -16.05 -2.52
C LEU B 70 -15.91 -17.05 -2.98
N ASN B 71 -17.12 -16.54 -3.21
CA ASN B 71 -18.27 -17.31 -3.68
C ASN B 71 -18.75 -18.44 -2.78
N LEU B 72 -18.35 -18.39 -1.51
CA LEU B 72 -18.72 -19.42 -0.54
C LEU B 72 -20.18 -19.38 -0.11
N VAL B 73 -20.77 -18.20 0.00
CA VAL B 73 -22.18 -18.09 0.36
C VAL B 73 -23.03 -18.72 -0.74
N GLN B 74 -22.68 -18.44 -2.00
CA GLN B 74 -23.42 -18.94 -3.16
C GLN B 74 -23.20 -20.43 -3.41
N ASN B 75 -21.94 -20.85 -3.43
CA ASN B 75 -21.61 -22.24 -3.73
C ASN B 75 -22.03 -23.23 -2.65
N PHE B 76 -22.14 -22.79 -1.39
CA PHE B 76 -22.52 -23.70 -0.31
C PHE B 76 -23.83 -23.40 0.39
N GLN B 77 -24.67 -22.58 -0.25
CA GLN B 77 -26.02 -22.26 0.23
C GLN B 77 -26.07 -21.79 1.68
N MET B 78 -25.17 -20.89 2.04
CA MET B 78 -25.08 -20.37 3.40
C MET B 78 -26.21 -19.38 3.66
N LYS B 79 -26.97 -19.59 4.73
CA LYS B 79 -28.03 -18.67 5.11
C LYS B 79 -27.35 -17.47 5.75
N HIS B 80 -27.73 -16.26 5.31
CA HIS B 80 -27.13 -15.03 5.81
C HIS B 80 -27.11 -14.95 7.34
N GLU B 81 -28.26 -15.23 7.95
CA GLU B 81 -28.41 -15.16 9.41
C GLU B 81 -27.48 -16.15 10.14
N VAL B 82 -27.38 -17.35 9.59
CA VAL B 82 -26.56 -18.41 10.16
C VAL B 82 -25.08 -18.01 10.11
N LEU B 83 -24.67 -17.44 8.98
CA LEU B 83 -23.30 -16.99 8.82
C LEU B 83 -22.98 -15.85 9.78
N CYS B 84 -23.91 -14.92 9.94
CA CYS B 84 -23.73 -13.78 10.84
C CYS B 84 -23.59 -14.26 12.28
N ARG B 85 -24.45 -15.18 12.68
CA ARG B 85 -24.42 -15.73 14.03
C ARG B 85 -23.10 -16.46 14.26
N TRP B 86 -22.66 -17.24 13.28
CA TRP B 86 -21.40 -17.98 13.40
C TRP B 86 -20.22 -17.03 13.56
N ILE B 87 -20.19 -15.95 12.77
CA ILE B 87 -19.10 -14.99 12.86
C ILE B 87 -19.06 -14.37 14.26
N LEU B 88 -20.22 -14.03 14.80
CA LEU B 88 -20.31 -13.45 16.15
C LEU B 88 -19.86 -14.46 17.25
N SER B 89 -20.16 -15.75 17.04
CA SER B 89 -19.80 -16.82 17.99
C SER B 89 -18.30 -17.01 18.04
N VAL B 90 -17.68 -16.96 16.85
CA VAL B 90 -16.24 -17.07 16.74
C VAL B 90 -15.57 -15.88 17.44
N LYS B 91 -16.01 -14.66 17.11
CA LYS B 91 -15.47 -13.45 17.71
C LYS B 91 -15.60 -13.49 19.24
N LYS B 92 -16.73 -14.01 19.73
CA LYS B 92 -17.03 -14.09 21.16
C LYS B 92 -16.14 -15.07 21.90
N ASN B 93 -15.65 -16.09 21.19
CA ASN B 93 -14.83 -17.14 21.78
C ASN B 93 -13.32 -16.90 21.75
N TYR B 94 -12.93 -15.69 21.38
CA TYR B 94 -11.56 -15.24 21.56
C TYR B 94 -11.63 -14.43 22.87
N ARG B 95 -10.59 -14.55 23.67
CA ARG B 95 -10.51 -13.87 24.97
C ARG B 95 -10.18 -12.40 24.78
N LYS B 96 -10.85 -11.53 25.53
CA LYS B 96 -10.65 -10.08 25.46
C LYS B 96 -9.53 -9.57 26.38
N ASN B 97 -9.01 -10.45 27.23
CA ASN B 97 -7.97 -10.10 28.20
C ASN B 97 -6.58 -10.55 27.73
N VAL B 98 -6.47 -10.91 26.45
CA VAL B 98 -5.21 -11.33 25.87
C VAL B 98 -4.79 -10.23 24.88
N ALA B 99 -3.55 -9.76 25.02
CA ALA B 99 -3.06 -8.64 24.23
C ALA B 99 -2.95 -8.89 22.72
N TYR B 100 -2.54 -10.11 22.32
CA TYR B 100 -2.35 -10.45 20.91
C TYR B 100 -3.27 -11.53 20.34
N HIS B 101 -3.39 -12.67 21.01
CA HIS B 101 -4.18 -13.81 20.51
C HIS B 101 -5.68 -13.63 20.75
N ASN B 102 -6.21 -12.54 20.20
CA ASN B 102 -7.60 -12.16 20.32
C ASN B 102 -8.22 -12.13 18.92
N TRP B 103 -9.51 -11.80 18.86
CA TRP B 103 -10.27 -11.74 17.63
C TRP B 103 -9.54 -11.00 16.52
N ARG B 104 -8.94 -9.87 16.83
CA ARG B 104 -8.22 -9.10 15.81
C ARG B 104 -7.09 -9.87 15.12
N HIS B 105 -6.36 -10.72 15.85
CA HIS B 105 -5.31 -11.53 15.20
C HIS B 105 -5.91 -12.56 14.23
N ALA B 106 -6.96 -13.25 14.66
CA ALA B 106 -7.67 -14.22 13.84
C ALA B 106 -8.29 -13.56 12.62
N PHE B 107 -8.92 -12.40 12.83
CA PHE B 107 -9.56 -11.64 11.76
C PHE B 107 -8.52 -11.21 10.71
N ASN B 108 -7.36 -10.72 11.16
CA ASN B 108 -6.28 -10.32 10.25
C ASN B 108 -5.69 -11.48 9.47
N THR B 109 -5.66 -12.66 10.10
CA THR B 109 -5.18 -13.88 9.49
C THR B 109 -6.08 -14.25 8.32
N ALA B 110 -7.38 -14.15 8.55
CA ALA B 110 -8.39 -14.44 7.52
C ALA B 110 -8.33 -13.41 6.40
N GLN B 111 -8.08 -12.15 6.75
CA GLN B 111 -8.00 -11.11 5.74
C GLN B 111 -6.81 -11.41 4.84
N CYS B 112 -5.70 -11.80 5.43
CA CYS B 112 -4.51 -12.14 4.66
C CYS B 112 -4.81 -13.34 3.76
N MET B 113 -5.56 -14.32 4.27
CA MET B 113 -5.95 -15.47 3.46
C MET B 113 -6.80 -14.98 2.28
N PHE B 114 -7.73 -14.08 2.54
CA PHE B 114 -8.59 -13.54 1.50
C PHE B 114 -7.76 -12.82 0.46
N ALA B 115 -6.81 -12.01 0.91
CA ALA B 115 -5.95 -11.26 -0.02
C ALA B 115 -5.07 -12.17 -0.86
N ALA B 116 -4.51 -13.21 -0.25
CA ALA B 116 -3.66 -14.15 -0.97
C ALA B 116 -4.47 -14.94 -2.01
N LEU B 117 -5.72 -15.24 -1.70
CA LEU B 117 -6.58 -15.97 -2.62
C LEU B 117 -7.01 -15.06 -3.78
N LYS B 118 -7.40 -13.82 -3.46
CA LYS B 118 -7.89 -12.88 -4.46
C LYS B 118 -6.77 -12.11 -5.15
N ALA B 119 -6.14 -11.18 -4.44
CA ALA B 119 -5.04 -10.39 -5.02
C ALA B 119 -3.82 -11.25 -5.36
N GLY B 120 -3.58 -12.29 -4.56
CA GLY B 120 -2.44 -13.17 -4.78
C GLY B 120 -2.71 -14.28 -5.78
N LYS B 121 -3.94 -14.33 -6.32
CA LYS B 121 -4.37 -15.31 -7.32
C LYS B 121 -4.21 -16.79 -6.90
N ILE B 122 -4.27 -17.07 -5.60
CA ILE B 122 -4.16 -18.46 -5.14
C ILE B 122 -5.49 -19.23 -5.30
N GLN B 123 -6.61 -18.53 -5.38
CA GLN B 123 -7.92 -19.19 -5.50
C GLN B 123 -8.06 -20.07 -6.77
N ASN B 124 -7.37 -19.70 -7.83
CA ASN B 124 -7.41 -20.47 -9.07
C ASN B 124 -6.66 -21.80 -8.99
N LYS B 125 -5.88 -21.98 -7.93
CA LYS B 125 -5.13 -23.22 -7.71
C LYS B 125 -5.82 -24.21 -6.76
N LEU B 126 -6.87 -23.77 -6.05
CA LEU B 126 -7.57 -24.60 -5.07
C LEU B 126 -9.03 -24.86 -5.43
N THR B 127 -9.62 -25.90 -4.84
CA THR B 127 -11.03 -26.22 -5.02
C THR B 127 -11.84 -25.31 -4.09
N ASP B 128 -13.13 -25.20 -4.35
CA ASP B 128 -14.01 -24.36 -3.53
C ASP B 128 -14.07 -24.89 -2.09
N LEU B 129 -14.03 -26.20 -1.93
CA LEU B 129 -14.07 -26.84 -0.61
C LEU B 129 -12.80 -26.55 0.20
N GLU B 130 -11.66 -26.47 -0.48
CA GLU B 130 -10.41 -26.13 0.18
C GLU B 130 -10.42 -24.68 0.62
N ILE B 131 -10.97 -23.82 -0.22
CA ILE B 131 -11.08 -22.39 0.10
C ILE B 131 -12.00 -22.22 1.32
N LEU B 132 -13.08 -22.98 1.36
CA LEU B 132 -14.04 -22.93 2.47
C LEU B 132 -13.34 -23.29 3.78
N ALA B 133 -12.60 -24.38 3.76
CA ALA B 133 -11.85 -24.86 4.90
C ALA B 133 -10.81 -23.85 5.34
N LEU B 134 -10.09 -23.24 4.40
CA LEU B 134 -9.04 -22.29 4.75
C LEU B 134 -9.57 -21.05 5.45
N LEU B 135 -10.65 -20.47 4.94
CA LEU B 135 -11.22 -19.28 5.53
C LEU B 135 -11.72 -19.58 6.95
N ILE B 136 -12.47 -20.68 7.10
CA ILE B 136 -12.96 -21.11 8.40
C ILE B 136 -11.81 -21.37 9.37
N ALA B 137 -10.77 -22.07 8.91
CA ALA B 137 -9.62 -22.39 9.74
C ALA B 137 -8.89 -21.13 10.16
N ALA B 138 -8.72 -20.18 9.24
CA ALA B 138 -8.02 -18.94 9.52
C ALA B 138 -8.73 -18.13 10.62
N LEU B 139 -10.06 -18.04 10.54
CA LEU B 139 -10.83 -17.30 11.56
C LEU B 139 -10.87 -18.03 12.91
N SER B 140 -10.79 -19.35 12.88
CA SER B 140 -10.91 -20.18 14.08
C SER B 140 -9.58 -20.68 14.65
N HIS B 141 -8.47 -20.34 14.01
CA HIS B 141 -7.17 -20.97 14.34
C HIS B 141 -6.54 -20.77 15.73
N ASP B 142 -6.96 -19.74 16.48
CA ASP B 142 -6.41 -19.47 17.82
C ASP B 142 -7.55 -19.33 18.84
N LEU B 143 -8.70 -19.93 18.53
CA LEU B 143 -9.89 -19.85 19.39
C LEU B 143 -9.60 -20.19 20.87
N ASP B 144 -10.08 -19.34 21.77
CA ASP B 144 -9.91 -19.53 23.22
C ASP B 144 -8.44 -19.65 23.66
N HIS B 145 -7.55 -18.97 22.94
CA HIS B 145 -6.13 -18.95 23.27
C HIS B 145 -5.98 -18.34 24.68
N PRO B 146 -5.32 -19.04 25.59
CA PRO B 146 -5.14 -18.54 26.98
C PRO B 146 -4.05 -17.49 27.19
N GLY B 147 -3.29 -17.16 26.15
CA GLY B 147 -2.23 -16.17 26.22
C GLY B 147 -0.87 -16.72 26.65
N VAL B 148 -0.72 -18.04 26.63
CA VAL B 148 0.56 -18.69 26.96
C VAL B 148 0.85 -19.76 25.91
N SER B 149 2.10 -20.19 25.81
CA SER B 149 2.52 -21.13 24.77
C SER B 149 2.36 -22.60 25.15
N ASN B 150 2.44 -23.45 24.13
CA ASN B 150 2.42 -24.89 24.32
C ASN B 150 3.45 -25.36 25.35
N GLN B 151 4.67 -24.89 25.22
CA GLN B 151 5.73 -25.29 26.15
C GLN B 151 5.38 -24.95 27.60
N PHE B 152 4.74 -23.80 27.79
CA PHE B 152 4.34 -23.35 29.12
C PHE B 152 3.25 -24.26 29.69
N LEU B 153 2.25 -24.59 28.88
CA LEU B 153 1.19 -25.50 29.31
C LEU B 153 1.73 -26.89 29.63
N ILE B 154 2.75 -27.32 28.92
CA ILE B 154 3.36 -28.61 29.17
C ILE B 154 4.10 -28.56 30.49
N ASN B 155 4.88 -27.50 30.67
CA ASN B 155 5.69 -27.34 31.87
C ASN B 155 4.90 -27.04 33.16
N THR B 156 3.64 -26.61 33.03
CA THR B 156 2.79 -26.33 34.19
C THR B 156 1.74 -27.42 34.44
N ASN B 157 1.89 -28.57 33.78
CA ASN B 157 1.00 -29.71 33.95
C ASN B 157 -0.48 -29.41 33.74
N SER B 158 -0.76 -28.61 32.73
CA SER B 158 -2.12 -28.24 32.43
C SER B 158 -2.94 -29.44 31.98
N GLU B 159 -4.24 -29.31 32.16
CA GLU B 159 -5.19 -30.31 31.76
C GLU B 159 -5.10 -30.52 30.25
N LEU B 160 -4.93 -29.43 29.51
CA LEU B 160 -4.87 -29.50 28.05
C LEU B 160 -3.68 -30.31 27.55
N ALA B 161 -2.54 -30.17 28.22
CA ALA B 161 -1.32 -30.85 27.82
C ALA B 161 -1.46 -32.35 28.02
N LEU B 162 -2.05 -32.78 29.14
CA LEU B 162 -2.24 -34.21 29.35
C LEU B 162 -3.23 -34.78 28.31
N MET B 163 -4.35 -34.10 28.11
CA MET B 163 -5.38 -34.51 27.17
C MET B 163 -4.85 -34.81 25.78
N TYR B 164 -3.99 -33.92 25.30
CA TYR B 164 -3.45 -34.04 23.95
C TYR B 164 -2.01 -34.58 23.92
N ASN B 165 -1.56 -35.18 25.02
CA ASN B 165 -0.25 -35.83 25.09
C ASN B 165 0.91 -34.92 24.66
N ASP B 166 0.84 -33.64 25.02
CA ASP B 166 1.86 -32.64 24.69
C ASP B 166 2.07 -32.37 23.18
N GLU B 167 1.18 -32.87 22.32
CA GLU B 167 1.29 -32.70 20.88
C GLU B 167 0.38 -31.59 20.38
N SER B 168 0.98 -30.50 19.85
CA SER B 168 0.27 -29.33 19.35
C SER B 168 -0.92 -29.07 20.24
N VAL B 169 -0.64 -28.84 21.52
CA VAL B 169 -1.66 -28.74 22.55
C VAL B 169 -2.70 -27.66 22.26
N LEU B 170 -2.24 -26.44 22.07
CA LEU B 170 -3.14 -25.31 21.83
C LEU B 170 -3.96 -25.52 20.57
N GLU B 171 -3.31 -25.99 19.53
CA GLU B 171 -3.91 -26.19 18.22
C GLU B 171 -5.04 -27.22 18.25
N HIS B 172 -4.85 -28.31 19.00
CA HIS B 172 -5.91 -29.30 19.17
C HIS B 172 -7.09 -28.68 19.92
N HIS B 173 -6.79 -27.82 20.90
CA HIS B 173 -7.80 -27.10 21.66
C HIS B 173 -8.54 -26.12 20.74
N HIS B 174 -7.81 -25.45 19.85
CA HIS B 174 -8.43 -24.48 18.94
C HIS B 174 -9.39 -25.18 17.98
N PHE B 175 -9.00 -26.34 17.47
CA PHE B 175 -9.86 -27.09 16.58
C PHE B 175 -11.10 -27.59 17.31
N ASP B 176 -10.94 -28.04 18.56
CA ASP B 176 -12.07 -28.50 19.37
C ASP B 176 -13.10 -27.37 19.54
N GLN B 177 -12.61 -26.15 19.75
CA GLN B 177 -13.46 -24.97 19.91
C GLN B 177 -14.16 -24.63 18.60
N CYS B 178 -13.43 -24.77 17.49
CA CYS B 178 -13.96 -24.51 16.15
C CYS B 178 -15.11 -25.49 15.87
N LEU B 179 -14.87 -26.75 16.19
CA LEU B 179 -15.84 -27.82 15.99
C LEU B 179 -17.11 -27.61 16.82
N MET B 180 -16.93 -27.15 18.06
CA MET B 180 -18.03 -26.88 18.96
C MET B 180 -18.92 -25.74 18.44
N ILE B 181 -18.30 -24.71 17.87
CA ILE B 181 -19.07 -23.57 17.34
C ILE B 181 -19.85 -24.00 16.09
N LEU B 182 -19.18 -24.75 15.21
CA LEU B 182 -19.77 -25.27 13.98
C LEU B 182 -20.97 -26.20 14.21
N ASN B 183 -21.01 -26.86 15.37
CA ASN B 183 -22.10 -27.79 15.70
C ASN B 183 -23.17 -27.19 16.61
N SER B 184 -22.96 -25.96 17.09
CA SER B 184 -23.93 -25.32 17.98
C SER B 184 -25.14 -24.85 17.16
N PRO B 185 -26.34 -25.06 17.68
CA PRO B 185 -27.59 -24.68 16.98
C PRO B 185 -27.57 -23.25 16.45
N GLY B 186 -28.03 -23.06 15.22
CA GLY B 186 -28.05 -21.74 14.60
C GLY B 186 -26.72 -21.25 14.00
N ASN B 187 -25.63 -21.96 14.26
CA ASN B 187 -24.30 -21.58 13.77
C ASN B 187 -23.76 -22.55 12.70
N GLN B 188 -24.59 -23.48 12.23
CA GLN B 188 -24.14 -24.51 11.28
C GLN B 188 -24.07 -24.01 9.85
N ILE B 189 -22.94 -23.37 9.53
CA ILE B 189 -22.70 -22.81 8.21
C ILE B 189 -22.33 -23.87 7.15
N LEU B 190 -22.05 -25.09 7.59
CA LEU B 190 -21.73 -26.21 6.70
C LEU B 190 -22.91 -27.16 6.52
N SER B 191 -24.11 -26.72 6.87
CA SER B 191 -25.28 -27.58 6.73
C SER B 191 -25.61 -27.87 5.25
N GLY B 192 -25.21 -26.97 4.35
CA GLY B 192 -25.42 -27.13 2.92
C GLY B 192 -24.58 -28.19 2.23
N LEU B 193 -23.53 -28.65 2.90
CA LEU B 193 -22.65 -29.70 2.37
C LEU B 193 -23.26 -31.08 2.55
N SER B 194 -22.89 -32.01 1.68
CA SER B 194 -23.31 -33.41 1.80
C SER B 194 -22.52 -34.01 2.97
N ILE B 195 -22.73 -35.30 3.26
CA ILE B 195 -22.02 -35.94 4.37
C ILE B 195 -20.54 -36.16 4.07
N GLU B 196 -20.19 -36.60 2.85
CA GLU B 196 -18.79 -36.82 2.48
C GLU B 196 -18.02 -35.50 2.40
N GLU B 197 -18.70 -34.46 1.94
CA GLU B 197 -18.09 -33.14 1.83
C GLU B 197 -17.81 -32.55 3.22
N TYR B 198 -18.69 -32.85 4.17
CA TYR B 198 -18.55 -32.36 5.54
C TYR B 198 -17.36 -33.03 6.24
N LYS B 199 -17.25 -34.35 6.13
CA LYS B 199 -16.14 -35.06 6.75
C LYS B 199 -14.81 -34.59 6.15
N THR B 200 -14.79 -34.43 4.84
CA THR B 200 -13.60 -33.98 4.11
C THR B 200 -13.19 -32.57 4.53
N THR B 201 -14.18 -31.68 4.68
CA THR B 201 -13.94 -30.30 5.04
C THR B 201 -13.36 -30.18 6.44
N LEU B 202 -13.90 -30.94 7.38
CA LEU B 202 -13.44 -30.94 8.77
C LEU B 202 -12.01 -31.46 8.86
N LYS B 203 -11.69 -32.47 8.05
CA LYS B 203 -10.33 -33.02 8.01
C LYS B 203 -9.36 -31.93 7.52
N ILE B 204 -9.75 -31.15 6.51
CA ILE B 204 -8.89 -30.09 5.99
C ILE B 204 -8.73 -28.96 7.03
N ILE B 205 -9.81 -28.60 7.71
CA ILE B 205 -9.77 -27.55 8.73
C ILE B 205 -8.84 -27.99 9.86
N LYS B 206 -8.94 -29.25 10.30
CA LYS B 206 -8.09 -29.73 11.38
C LYS B 206 -6.61 -29.65 11.02
N GLN B 207 -6.25 -30.13 9.83
CA GLN B 207 -4.87 -30.10 9.36
C GLN B 207 -4.39 -28.66 9.26
N ALA B 208 -5.29 -27.75 8.86
CA ALA B 208 -4.98 -26.35 8.70
C ALA B 208 -4.70 -25.65 10.03
N ILE B 209 -5.52 -25.93 11.04
CA ILE B 209 -5.31 -25.35 12.36
C ILE B 209 -4.04 -25.95 12.96
N LEU B 210 -3.84 -27.25 12.78
CA LEU B 210 -2.63 -27.94 13.27
C LEU B 210 -1.36 -27.39 12.63
N ALA B 211 -1.47 -26.99 11.36
CA ALA B 211 -0.35 -26.39 10.65
C ALA B 211 0.14 -25.07 11.27
N THR B 212 -0.72 -24.35 12.01
CA THR B 212 -0.30 -23.09 12.65
C THR B 212 0.63 -23.26 13.85
N ASP B 213 0.91 -24.52 14.21
CA ASP B 213 1.91 -24.82 15.22
C ASP B 213 3.25 -24.56 14.53
N LEU B 214 3.91 -23.47 14.90
CA LEU B 214 5.19 -23.05 14.29
C LEU B 214 6.25 -24.15 14.27
N ALA B 215 6.29 -24.97 15.33
CA ALA B 215 7.24 -26.08 15.39
C ALA B 215 7.05 -27.04 14.22
N LEU B 216 5.79 -27.28 13.83
CA LEU B 216 5.49 -28.14 12.69
C LEU B 216 5.85 -27.47 11.36
N TYR B 217 5.70 -26.15 11.28
CA TYR B 217 6.11 -25.43 10.08
C TYR B 217 7.63 -25.59 9.88
N ILE B 218 8.41 -25.38 10.94
CA ILE B 218 9.86 -25.50 10.84
C ILE B 218 10.26 -26.93 10.42
N LYS B 219 9.52 -27.92 10.89
CA LYS B 219 9.78 -29.32 10.59
C LYS B 219 9.50 -29.72 9.13
N ARG B 220 8.45 -29.16 8.54
CA ARG B 220 8.03 -29.50 7.19
C ARG B 220 8.49 -28.58 6.07
N ARG B 221 8.91 -27.37 6.42
CA ARG B 221 9.24 -26.36 5.42
C ARG B 221 10.33 -26.77 4.43
N GLY B 222 11.30 -27.56 4.90
CA GLY B 222 12.39 -28.02 4.06
C GLY B 222 11.89 -28.79 2.85
N GLU B 223 10.86 -29.62 3.05
CA GLU B 223 10.28 -30.40 1.96
C GLU B 223 9.68 -29.48 0.91
N PHE B 224 8.97 -28.47 1.36
CA PHE B 224 8.34 -27.49 0.49
C PHE B 224 9.37 -26.71 -0.33
N PHE B 225 10.42 -26.23 0.33
CA PHE B 225 11.46 -25.45 -0.33
C PHE B 225 12.24 -26.28 -1.37
N GLU B 226 12.44 -27.56 -1.07
CA GLU B 226 13.15 -28.45 -1.98
C GLU B 226 12.31 -28.80 -3.21
N LEU B 227 10.99 -28.90 -3.04
CA LEU B 227 10.08 -29.16 -4.15
C LEU B 227 10.11 -27.98 -5.13
N ILE B 228 10.18 -26.77 -4.58
CA ILE B 228 10.21 -25.54 -5.37
C ILE B 228 11.52 -25.41 -6.12
N ARG B 229 12.63 -25.71 -5.44
CA ARG B 229 13.97 -25.61 -6.02
C ARG B 229 14.19 -26.60 -7.17
N LYS B 230 13.62 -27.80 -7.04
CA LYS B 230 13.75 -28.87 -8.03
C LYS B 230 12.64 -28.83 -9.10
N ASN B 231 11.80 -27.79 -9.07
CA ASN B 231 10.66 -27.66 -9.99
C ASN B 231 9.76 -28.89 -10.02
N GLN B 232 9.53 -29.44 -8.82
CA GLN B 232 8.69 -30.61 -8.63
C GLN B 232 7.38 -30.22 -7.94
N PHE B 233 7.09 -28.93 -7.81
CA PHE B 233 5.86 -28.48 -7.15
C PHE B 233 4.62 -28.89 -7.95
N ASN B 234 3.75 -29.68 -7.32
CA ASN B 234 2.59 -30.24 -7.98
C ASN B 234 1.42 -30.40 -6.99
N LEU B 235 0.46 -29.49 -7.10
CA LEU B 235 -0.70 -29.48 -6.23
C LEU B 235 -1.70 -30.63 -6.47
N GLU B 236 -1.53 -31.37 -7.56
CA GLU B 236 -2.39 -32.53 -7.82
C GLU B 236 -2.03 -33.71 -6.90
N ASP B 237 -0.83 -33.67 -6.33
CA ASP B 237 -0.38 -34.69 -5.38
C ASP B 237 -1.00 -34.35 -4.02
N PRO B 238 -1.85 -35.24 -3.49
CA PRO B 238 -2.52 -34.99 -2.21
C PRO B 238 -1.58 -34.52 -1.09
N HIS B 239 -0.40 -35.14 -0.97
CA HIS B 239 0.58 -34.77 0.05
C HIS B 239 1.08 -33.33 -0.14
N GLN B 240 1.32 -32.94 -1.38
CA GLN B 240 1.79 -31.59 -1.70
C GLN B 240 0.70 -30.55 -1.48
N LYS B 241 -0.55 -30.92 -1.75
CA LYS B 241 -1.70 -30.03 -1.53
C LYS B 241 -1.78 -29.72 -0.03
N GLU B 242 -1.74 -30.75 0.80
CA GLU B 242 -1.77 -30.59 2.26
C GLU B 242 -0.62 -29.72 2.76
N LEU B 243 0.59 -30.01 2.26
CA LEU B 243 1.79 -29.25 2.59
C LEU B 243 1.58 -27.78 2.25
N PHE B 244 1.12 -27.52 1.02
CA PHE B 244 0.92 -26.14 0.56
C PHE B 244 -0.09 -25.37 1.40
N LEU B 245 -1.19 -26.04 1.76
CA LEU B 245 -2.21 -25.41 2.59
C LEU B 245 -1.63 -25.09 3.95
N ALA B 246 -0.74 -25.97 4.45
CA ALA B 246 -0.07 -25.75 5.71
C ALA B 246 0.82 -24.49 5.67
N MET B 247 1.56 -24.32 4.57
CA MET B 247 2.46 -23.20 4.39
C MET B 247 1.67 -21.89 4.27
N LEU B 248 0.55 -21.94 3.58
CA LEU B 248 -0.32 -20.79 3.41
C LEU B 248 -0.91 -20.34 4.76
N MET B 249 -1.28 -21.30 5.60
CA MET B 249 -1.81 -20.98 6.92
C MET B 249 -0.75 -20.25 7.74
N THR B 250 0.49 -20.73 7.71
CA THR B 250 1.59 -20.09 8.42
C THR B 250 1.83 -18.69 7.86
N ALA B 251 1.81 -18.55 6.54
CA ALA B 251 2.05 -17.25 5.90
C ALA B 251 1.03 -16.21 6.36
N CYS B 252 -0.21 -16.63 6.49
CA CYS B 252 -1.28 -15.75 6.95
C CYS B 252 -1.16 -15.48 8.46
N ASP B 253 -0.80 -16.52 9.22
CA ASP B 253 -0.68 -16.41 10.68
C ASP B 253 0.43 -15.43 11.08
N LEU B 254 1.48 -15.35 10.27
CA LEU B 254 2.62 -14.48 10.57
C LEU B 254 2.58 -13.15 9.83
N SER B 255 1.54 -12.89 9.04
CA SER B 255 1.49 -11.73 8.15
C SER B 255 1.63 -10.33 8.76
N ALA B 256 1.45 -10.17 10.07
CA ALA B 256 1.70 -8.86 10.69
C ALA B 256 3.14 -8.39 10.45
N ILE B 257 4.03 -9.37 10.25
CA ILE B 257 5.44 -9.12 9.97
C ILE B 257 5.69 -8.49 8.58
N THR B 258 4.67 -8.48 7.72
CA THR B 258 4.75 -7.91 6.38
C THR B 258 4.03 -6.56 6.24
N LYS B 259 3.37 -6.13 7.31
CA LYS B 259 2.57 -4.91 7.29
C LYS B 259 3.39 -3.64 7.28
N PRO B 260 2.79 -2.53 6.83
CA PRO B 260 3.48 -1.25 6.85
C PRO B 260 4.04 -0.98 8.24
N TRP B 261 5.17 -0.29 8.31
CA TRP B 261 5.89 -0.06 9.54
C TRP B 261 5.06 0.31 10.79
N PRO B 262 4.18 1.30 10.73
CA PRO B 262 3.39 1.68 11.93
C PRO B 262 2.53 0.55 12.52
N ILE B 263 2.00 -0.30 11.65
CA ILE B 263 1.17 -1.42 12.07
C ILE B 263 2.04 -2.53 12.68
N GLN B 264 3.13 -2.89 12.01
CA GLN B 264 4.03 -3.92 12.50
C GLN B 264 4.64 -3.52 13.85
N GLN B 265 5.02 -2.27 14.00
CA GLN B 265 5.58 -1.79 15.27
C GLN B 265 4.57 -1.96 16.41
N ARG B 266 3.31 -1.64 16.14
CA ARG B 266 2.24 -1.77 17.12
C ARG B 266 1.97 -3.23 17.50
N ILE B 267 1.87 -4.12 16.50
CA ILE B 267 1.58 -5.52 16.76
C ILE B 267 2.75 -6.26 17.44
N ALA B 268 3.97 -5.94 17.07
CA ALA B 268 5.15 -6.53 17.71
C ALA B 268 5.14 -6.30 19.22
N GLU B 269 4.67 -5.12 19.63
CA GLU B 269 4.56 -4.77 21.04
C GLU B 269 3.48 -5.61 21.75
N LEU B 270 2.40 -5.93 21.06
CA LEU B 270 1.35 -6.78 21.62
C LEU B 270 1.90 -8.19 21.82
N VAL B 271 2.62 -8.69 20.83
CA VAL B 271 3.24 -10.01 20.92
C VAL B 271 4.21 -10.03 22.11
N ALA B 272 5.03 -8.99 22.24
CA ALA B 272 5.97 -8.89 23.36
C ALA B 272 5.25 -8.83 24.72
N THR B 273 4.08 -8.17 24.78
CA THR B 273 3.31 -8.08 26.03
C THR B 273 2.95 -9.48 26.53
N GLU B 274 2.40 -10.30 25.64
CA GLU B 274 2.05 -11.66 25.98
C GLU B 274 3.27 -12.49 26.37
N PHE B 275 4.33 -12.39 25.58
CA PHE B 275 5.54 -13.17 25.84
C PHE B 275 6.21 -12.79 27.16
N PHE B 276 6.35 -11.49 27.42
CA PHE B 276 6.99 -11.00 28.63
C PHE B 276 6.20 -11.38 29.88
N ASP B 277 4.88 -11.36 29.77
CA ASP B 277 3.98 -11.77 30.85
C ASP B 277 4.16 -13.25 31.16
N GLN B 278 4.30 -14.07 30.13
CA GLN B 278 4.53 -15.50 30.35
C GLN B 278 5.88 -15.73 31.01
N GLY B 279 6.88 -14.99 30.56
CA GLY B 279 8.21 -15.06 31.15
C GLY B 279 8.20 -14.71 32.63
N ASP B 280 7.36 -13.75 33.03
CA ASP B 280 7.26 -13.33 34.44
C ASP B 280 6.75 -14.51 35.27
N ARG B 281 5.80 -15.26 34.71
CA ARG B 281 5.24 -16.44 35.39
C ARG B 281 6.25 -17.58 35.47
N GLU B 282 7.05 -17.75 34.41
CA GLU B 282 8.10 -18.76 34.37
C GLU B 282 9.12 -18.48 35.49
N ARG B 283 9.46 -17.20 35.65
CA ARG B 283 10.41 -16.74 36.64
C ARG B 283 9.91 -16.99 38.06
N LYS B 284 8.65 -16.67 38.32
CA LYS B 284 8.07 -16.79 39.66
C LYS B 284 7.54 -18.17 40.05
N GLU B 285 6.86 -18.84 39.12
CA GLU B 285 6.25 -20.14 39.40
C GLU B 285 7.17 -21.33 39.11
N LEU B 286 7.87 -21.31 37.99
CA LEU B 286 8.77 -22.42 37.62
C LEU B 286 10.23 -22.22 38.04
N ASN B 287 10.56 -21.05 38.56
CA ASN B 287 11.94 -20.74 38.97
C ASN B 287 12.97 -20.93 37.86
N ILE B 288 12.59 -20.56 36.65
CA ILE B 288 13.49 -20.66 35.49
C ILE B 288 13.64 -19.29 34.85
N GLU B 289 14.87 -18.96 34.49
CA GLU B 289 15.20 -17.73 33.78
C GLU B 289 14.59 -17.87 32.38
N PRO B 290 13.69 -16.97 32.01
CA PRO B 290 13.08 -17.06 30.67
C PRO B 290 14.08 -16.81 29.51
N THR B 291 13.76 -17.37 28.35
CA THR B 291 14.51 -17.14 27.12
C THR B 291 14.38 -15.67 26.75
N ASP B 292 15.28 -15.17 25.90
CA ASP B 292 15.28 -13.77 25.48
C ASP B 292 13.89 -13.25 25.09
N LEU B 293 13.22 -13.94 24.18
CA LEU B 293 11.92 -13.49 23.71
C LEU B 293 10.84 -13.40 24.80
N MET B 294 10.97 -14.16 25.89
CA MET B 294 10.01 -14.11 27.02
C MET B 294 10.53 -13.27 28.19
N ASN B 295 11.72 -12.71 28.06
CA ASN B 295 12.39 -11.96 29.11
C ASN B 295 12.28 -10.45 28.96
N ARG B 296 11.54 -9.86 29.90
CA ARG B 296 11.27 -8.43 29.95
C ARG B 296 12.55 -7.56 29.90
N GLU B 297 13.66 -8.11 30.41
CA GLU B 297 14.95 -7.43 30.40
C GLU B 297 15.44 -7.08 29.01
N LYS B 298 14.99 -7.86 28.02
CA LYS B 298 15.37 -7.71 26.64
C LYS B 298 14.41 -6.84 25.81
N LYS B 299 13.55 -6.06 26.46
CA LYS B 299 12.65 -5.17 25.73
C LYS B 299 13.43 -4.28 24.75
N ASN B 300 14.55 -3.74 25.22
CA ASN B 300 15.42 -2.89 24.41
C ASN B 300 16.03 -3.61 23.19
N LYS B 301 15.98 -4.95 23.22
CA LYS B 301 16.50 -5.81 22.15
C LYS B 301 15.40 -6.36 21.24
N ILE B 302 14.18 -5.88 21.39
CA ILE B 302 13.08 -6.34 20.52
C ILE B 302 13.44 -6.17 19.03
N PRO B 303 14.01 -5.04 18.64
CA PRO B 303 14.44 -4.85 17.24
C PRO B 303 15.30 -6.02 16.72
N SER B 304 16.38 -6.38 17.42
CA SER B 304 17.24 -7.48 16.99
C SER B 304 16.54 -8.84 17.02
N MET B 305 15.60 -9.01 17.95
CA MET B 305 14.88 -10.28 18.05
C MET B 305 13.91 -10.39 16.90
N GLN B 306 13.39 -9.26 16.43
CA GLN B 306 12.48 -9.22 15.28
C GLN B 306 13.24 -9.51 14.00
N VAL B 307 14.47 -9.00 13.90
CA VAL B 307 15.32 -9.24 12.74
C VAL B 307 15.65 -10.74 12.68
N GLY B 308 15.96 -11.34 13.83
CA GLY B 308 16.27 -12.77 13.90
C GLY B 308 15.07 -13.64 13.50
N PHE B 309 13.87 -13.20 13.83
CA PHE B 309 12.65 -13.94 13.49
C PHE B 309 12.41 -13.86 11.98
N ILE B 310 12.55 -12.66 11.43
CA ILE B 310 12.39 -12.44 10.01
C ILE B 310 13.41 -13.27 9.20
N ASP B 311 14.67 -13.27 9.61
CA ASP B 311 15.72 -14.00 8.91
C ASP B 311 15.52 -15.52 8.99
N ALA B 312 15.24 -16.01 10.19
CA ALA B 312 15.18 -17.44 10.41
C ALA B 312 13.88 -18.12 9.99
N ILE B 313 12.78 -17.37 9.95
CA ILE B 313 11.47 -17.94 9.64
C ILE B 313 10.70 -17.31 8.47
N CYS B 314 10.57 -16.00 8.48
CA CYS B 314 9.69 -15.30 7.54
C CYS B 314 10.13 -15.11 6.09
N LEU B 315 11.34 -14.62 5.88
CA LEU B 315 11.86 -14.32 4.56
C LEU B 315 11.66 -15.48 3.57
N GLN B 316 12.18 -16.65 3.91
CA GLN B 316 12.10 -17.83 3.05
C GLN B 316 10.66 -18.27 2.79
N LEU B 317 9.78 -18.13 3.78
CA LEU B 317 8.37 -18.50 3.59
C LEU B 317 7.73 -17.61 2.52
N TYR B 318 7.86 -16.30 2.67
CA TYR B 318 7.23 -15.39 1.71
C TYR B 318 7.91 -15.47 0.35
N GLU B 319 9.21 -15.78 0.32
CA GLU B 319 9.93 -15.98 -0.92
C GLU B 319 9.35 -17.21 -1.66
N ALA B 320 9.11 -18.29 -0.93
CA ALA B 320 8.53 -19.52 -1.51
C ALA B 320 7.13 -19.28 -2.07
N LEU B 321 6.31 -18.55 -1.32
CA LEU B 321 4.95 -18.25 -1.74
C LEU B 321 4.94 -17.44 -3.03
N THR B 322 5.90 -16.52 -3.16
CA THR B 322 6.00 -15.68 -4.35
C THR B 322 6.39 -16.53 -5.57
N HIS B 323 7.21 -17.54 -5.33
CA HIS B 323 7.59 -18.47 -6.39
C HIS B 323 6.36 -19.21 -6.93
N VAL B 324 5.44 -19.56 -6.03
CA VAL B 324 4.19 -20.26 -6.37
C VAL B 324 3.22 -19.32 -7.11
N SER B 325 3.10 -18.09 -6.61
CA SER B 325 2.29 -17.07 -7.25
C SER B 325 2.96 -15.71 -7.09
N GLU B 326 3.44 -15.18 -8.21
CA GLU B 326 4.12 -13.89 -8.27
C GLU B 326 3.31 -12.75 -7.68
N ASP B 327 1.97 -12.85 -7.73
CA ASP B 327 1.09 -11.80 -7.21
C ASP B 327 1.03 -11.76 -5.68
N CYS B 328 1.76 -12.66 -5.01
CA CYS B 328 1.87 -12.66 -3.55
C CYS B 328 3.11 -11.89 -3.11
N PHE B 329 3.80 -11.29 -4.07
CA PHE B 329 5.02 -10.50 -3.83
C PHE B 329 4.89 -9.42 -2.74
N PRO B 330 3.76 -8.71 -2.64
CA PRO B 330 3.63 -7.65 -1.63
C PRO B 330 3.94 -8.14 -0.21
N LEU B 331 3.64 -9.41 0.08
CA LEU B 331 3.94 -10.00 1.39
C LEU B 331 5.45 -10.05 1.62
N LEU B 332 6.18 -10.50 0.61
CA LEU B 332 7.65 -10.56 0.66
C LEU B 332 8.24 -9.14 0.80
N ASP B 333 7.81 -8.23 -0.07
CA ASP B 333 8.24 -6.84 -0.05
C ASP B 333 8.05 -6.18 1.34
N GLY B 334 6.88 -6.36 1.93
CA GLY B 334 6.57 -5.81 3.24
C GLY B 334 7.45 -6.36 4.34
N CYS B 335 7.75 -7.66 4.24
CA CYS B 335 8.58 -8.35 5.19
C CYS B 335 10.03 -7.84 5.13
N ARG B 336 10.52 -7.65 3.91
CA ARG B 336 11.87 -7.12 3.69
C ARG B 336 11.98 -5.70 4.22
N LYS B 337 10.95 -4.90 3.97
CA LYS B 337 10.91 -3.53 4.46
C LYS B 337 10.97 -3.46 5.99
N ASN B 338 10.28 -4.38 6.69
CA ASN B 338 10.28 -4.39 8.16
C ASN B 338 11.60 -4.85 8.76
N ARG B 339 12.30 -5.72 8.04
CA ARG B 339 13.63 -6.16 8.45
C ARG B 339 14.55 -4.96 8.53
N GLN B 340 14.50 -4.11 7.51
CA GLN B 340 15.33 -2.90 7.45
C GLN B 340 14.95 -1.88 8.53
N LYS B 341 13.65 -1.75 8.79
CA LYS B 341 13.17 -0.81 9.80
C LYS B 341 13.66 -1.24 11.19
N TRP B 342 13.48 -2.52 11.51
CA TRP B 342 13.92 -3.07 12.79
C TRP B 342 15.43 -3.05 12.91
N GLN B 343 16.13 -3.36 11.82
CA GLN B 343 17.60 -3.37 11.84
C GLN B 343 18.14 -1.97 12.14
N ALA B 344 17.49 -0.94 11.63
CA ALA B 344 17.92 0.44 11.88
C ALA B 344 17.83 0.79 13.37
N LEU B 345 16.83 0.22 14.07
CA LEU B 345 16.67 0.45 15.50
C LEU B 345 17.57 -0.44 16.36
N ALA B 346 18.04 -1.56 15.79
CA ALA B 346 18.93 -2.47 16.51
C ALA B 346 20.35 -1.90 16.64
N GLU B 347 20.71 -1.01 15.71
CA GLU B 347 22.01 -0.36 15.69
C GLU B 347 21.94 1.02 16.32
#